data_1SEB
#
_entry.id   1SEB
#
_cell.length_a   95.000
_cell.length_b   114.700
_cell.length_c   149.800
_cell.angle_alpha   90.00
_cell.angle_beta   90.00
_cell.angle_gamma   90.00
#
_symmetry.space_group_name_H-M   'P 21 21 21'
#
loop_
_entity.id
_entity.type
_entity.pdbx_description
1 polymer 'HLA CLASS II HISTOCOMPATIBILITY ANTIGEN'
2 polymer 'HLA CLASS II HISTOCOMPATIBILITY ANTIGEN'
3 polymer 'ENDOGENOUS PEPTIDE MODEL, POLY-ALA'
4 polymer 'ENTEROTOXIN TYPE B'
#
loop_
_entity_poly.entity_id
_entity_poly.type
_entity_poly.pdbx_seq_one_letter_code
_entity_poly.pdbx_strand_id
1 'polypeptide(L)'
;IKEEHVIIQAEFYLNPDQSGEFMFDFDGDEIFHVDMAKKETVWRLEEFGRFASFEAQGALANIAVDKANLEIMTKRSNYT
PITNVPPEVTVLTNSPVELREPNVLICFIDKFTPPVVNVTWLRNGKPVTTGVSETVFLPREDHLFRKFHYLPFLPSTEDV
YDCRVEHWGLDEPLLKHWEFD
;
A,E
2 'polypeptide(L)'
;GDTRPRFLWQLKFECHFFNGTERVRLLERCIYNQEESVRFDSDVGEYRAVTELGRPDAEYWNSQKDLLEQRRAAVDTYCR
HNYGVGESFTVQRRVEPKVTVYPSKTQPLQHHNLLVCSVSGFYPGSIEVRWFRNGQEEKAGVVSTGLIQNGDWTFQTLVM
LETVPRSGEVYTCQVEHPSVTSPLTVEWRARS
;
B,F
3 'polypeptide(L)' (UNK)(UNK)(UNK)(UNK)(UNK)(UNK)(UNK)(UNK)(UNK)(UNK)(UNK)(UNK)(UNK) C,G
4 'polypeptide(L)'
;SQPDPKPDELHKSSKFTGLMENMKVLYDDNHVSAINVKSIDQFLYFDLIYSIKDTKLGNYDNVRVEFKNKDLADKYKDKY
VDVFGANYYYQCYFSKKTNDINSHQTDKRKTCMYGGVTEHNGNQLDKYRSITVRVFEDGKNLLSFDVQTNKKKVTAQELD
YLTRHYLVKNKKLYEFNNSPYETGYIKFIENENSFWYDMMPAPGDKFDQSKYLMMYNDNKMVDSKDVKIEVYLT
;
D,H
#
# COMPACT_ATOMS: atom_id res chain seq x y z
N ILE A 1 -23.25 7.47 6.37
CA ILE A 1 -23.23 7.78 4.96
C ILE A 1 -22.31 6.87 4.13
N LYS A 2 -22.89 6.25 3.10
CA LYS A 2 -22.14 5.41 2.18
C LYS A 2 -22.10 6.29 0.92
N GLU A 3 -20.95 6.36 0.28
CA GLU A 3 -20.75 7.21 -0.90
C GLU A 3 -21.15 6.61 -2.24
N GLU A 4 -21.38 7.46 -3.24
CA GLU A 4 -21.78 6.96 -4.55
C GLU A 4 -20.72 7.16 -5.67
N HIS A 5 -20.07 8.32 -5.68
CA HIS A 5 -19.08 8.62 -6.70
C HIS A 5 -18.11 9.65 -6.13
N VAL A 6 -17.01 9.88 -6.78
CA VAL A 6 -16.05 10.87 -6.31
C VAL A 6 -15.42 11.37 -7.55
N ILE A 7 -15.30 12.68 -7.68
CA ILE A 7 -14.64 13.28 -8.84
C ILE A 7 -13.45 13.98 -8.18
N ILE A 8 -12.25 13.72 -8.68
CA ILE A 8 -11.09 14.33 -8.08
C ILE A 8 -10.31 15.06 -9.16
N GLN A 9 -10.02 16.33 -8.93
CA GLN A 9 -9.20 17.09 -9.83
C GLN A 9 -7.84 16.93 -9.16
N ALA A 10 -6.94 16.20 -9.78
CA ALA A 10 -5.65 16.03 -9.17
C ALA A 10 -4.60 16.69 -10.03
N GLU A 11 -3.62 17.27 -9.38
CA GLU A 11 -2.51 17.93 -10.07
C GLU A 11 -1.24 17.82 -9.25
N PHE A 12 -0.08 17.75 -9.89
CA PHE A 12 1.18 17.65 -9.13
C PHE A 12 2.29 18.36 -9.84
N TYR A 13 3.36 18.63 -9.10
CA TYR A 13 4.53 19.27 -9.67
C TYR A 13 5.68 18.64 -8.97
N LEU A 14 6.70 18.26 -9.72
CA LEU A 14 7.86 17.56 -9.17
C LEU A 14 9.20 18.19 -9.52
N ASN A 15 10.04 18.44 -8.50
CA ASN A 15 11.39 18.99 -8.71
C ASN A 15 12.27 17.81 -8.29
N PRO A 16 13.43 17.64 -8.92
CA PRO A 16 14.09 18.27 -10.06
C PRO A 16 13.50 18.05 -11.44
N ASP A 17 12.71 16.99 -11.62
CA ASP A 17 12.18 16.73 -12.94
C ASP A 17 11.47 17.86 -13.62
N GLN A 18 10.79 18.68 -12.84
CA GLN A 18 10.05 19.78 -13.43
C GLN A 18 8.99 19.25 -14.38
N SER A 19 8.24 18.28 -13.83
CA SER A 19 7.09 17.59 -14.43
C SER A 19 5.88 18.17 -13.72
N GLY A 20 4.73 18.18 -14.39
CA GLY A 20 3.53 18.68 -13.73
C GLY A 20 2.41 17.88 -14.32
N GLU A 21 1.25 17.87 -13.68
CA GLU A 21 0.14 17.13 -14.23
C GLU A 21 -1.13 17.69 -13.70
N PHE A 22 -2.13 17.77 -14.57
CA PHE A 22 -3.44 18.27 -14.21
C PHE A 22 -4.35 17.25 -14.80
N MET A 23 -5.37 16.80 -14.06
CA MET A 23 -6.17 15.70 -14.56
C MET A 23 -7.44 15.57 -13.76
N PHE A 24 -8.51 14.99 -14.33
CA PHE A 24 -9.75 14.73 -13.56
C PHE A 24 -9.96 13.26 -13.45
N ASP A 25 -10.54 12.83 -12.34
CA ASP A 25 -10.75 11.43 -12.05
C ASP A 25 -12.16 11.21 -11.54
N PHE A 26 -12.85 10.21 -12.10
CA PHE A 26 -14.18 9.82 -11.68
C PHE A 26 -14.15 8.33 -11.31
N ASP A 27 -14.23 8.07 -10.04
CA ASP A 27 -14.24 6.70 -9.60
C ASP A 27 -13.05 5.85 -10.03
N GLY A 28 -11.88 6.46 -10.10
CA GLY A 28 -10.71 5.67 -10.46
C GLY A 28 -10.28 5.75 -11.89
N ASP A 29 -11.15 6.29 -12.74
CA ASP A 29 -10.87 6.41 -14.16
C ASP A 29 -10.64 7.88 -14.49
N GLU A 30 -9.66 8.19 -15.33
CA GLU A 30 -9.42 9.57 -15.72
C GLU A 30 -10.36 9.99 -16.82
N ILE A 31 -10.93 11.17 -16.63
CA ILE A 31 -11.84 11.77 -17.59
C ILE A 31 -11.00 12.38 -18.65
N PHE A 32 -10.03 13.20 -18.23
CA PHE A 32 -9.11 13.88 -19.13
C PHE A 32 -7.91 14.39 -18.35
N HIS A 33 -6.92 14.90 -19.07
CA HIS A 33 -5.77 15.50 -18.48
C HIS A 33 -5.34 16.56 -19.46
N VAL A 34 -4.57 17.53 -19.03
CA VAL A 34 -4.15 18.58 -19.95
C VAL A 34 -2.69 18.34 -20.35
N ASP A 35 -2.46 18.15 -21.66
CA ASP A 35 -1.15 17.99 -22.24
C ASP A 35 -0.51 19.35 -22.01
N MET A 36 0.47 19.42 -21.12
CA MET A 36 1.17 20.65 -20.74
C MET A 36 1.98 21.30 -21.84
N ALA A 37 2.44 20.49 -22.78
CA ALA A 37 3.22 20.97 -23.92
C ALA A 37 2.30 21.44 -25.02
N LYS A 38 1.45 20.55 -25.49
CA LYS A 38 0.51 20.94 -26.52
C LYS A 38 -0.57 21.81 -25.95
N LYS A 39 -0.50 22.19 -24.68
CA LYS A 39 -1.52 23.03 -24.05
C LYS A 39 -2.94 22.64 -24.47
N GLU A 40 -3.19 21.35 -24.62
CA GLU A 40 -4.46 20.82 -25.12
C GLU A 40 -5.15 19.78 -24.22
N THR A 41 -6.45 19.88 -24.02
CA THR A 41 -7.16 18.90 -23.21
C THR A 41 -7.24 17.58 -23.93
N VAL A 42 -6.85 16.48 -23.30
CA VAL A 42 -7.02 15.20 -23.97
C VAL A 42 -7.95 14.32 -23.13
N TRP A 43 -9.08 13.91 -23.72
CA TRP A 43 -10.08 13.07 -23.05
C TRP A 43 -9.72 11.58 -23.10
N ARG A 44 -9.88 10.85 -22.00
CA ARG A 44 -9.56 9.43 -21.97
C ARG A 44 -10.31 8.73 -23.10
N LEU A 45 -11.60 9.03 -23.27
CA LEU A 45 -12.39 8.46 -24.37
C LEU A 45 -12.91 9.63 -25.22
N GLU A 46 -12.67 9.60 -26.52
CA GLU A 46 -13.07 10.70 -27.40
C GLU A 46 -14.48 11.10 -27.23
N GLU A 47 -15.33 10.12 -27.08
CA GLU A 47 -16.78 10.36 -26.94
C GLU A 47 -17.02 11.47 -25.94
N PHE A 48 -16.19 11.50 -24.89
CA PHE A 48 -16.31 12.49 -23.83
C PHE A 48 -16.30 13.88 -24.39
N GLY A 49 -15.40 14.12 -25.33
CA GLY A 49 -15.27 15.42 -25.98
C GLY A 49 -16.51 15.91 -26.73
N ARG A 50 -17.50 15.03 -26.94
CA ARG A 50 -18.74 15.41 -27.58
C ARG A 50 -19.73 15.92 -26.54
N PHE A 51 -19.44 15.68 -25.27
CA PHE A 51 -20.34 16.11 -24.21
C PHE A 51 -19.80 17.20 -23.33
N ALA A 52 -18.52 17.52 -23.42
CA ALA A 52 -18.05 18.51 -22.50
C ALA A 52 -16.80 19.14 -22.99
N SER A 53 -16.43 20.27 -22.39
CA SER A 53 -15.21 20.95 -22.78
C SER A 53 -14.45 21.39 -21.54
N PHE A 54 -13.17 21.72 -21.72
CA PHE A 54 -12.32 22.20 -20.65
C PHE A 54 -11.34 23.25 -21.19
N GLU A 55 -11.09 24.35 -20.49
CA GLU A 55 -10.11 25.32 -21.02
C GLU A 55 -8.74 24.90 -20.57
N ALA A 56 -8.05 24.21 -21.46
CA ALA A 56 -6.75 23.67 -21.18
C ALA A 56 -5.68 24.60 -20.68
N GLN A 57 -5.78 25.90 -20.93
CA GLN A 57 -4.69 26.76 -20.47
C GLN A 57 -4.77 27.13 -19.03
N GLY A 58 -5.94 26.96 -18.43
CA GLY A 58 -6.06 27.24 -17.01
C GLY A 58 -5.19 26.27 -16.19
N ALA A 59 -5.15 25.00 -16.61
CA ALA A 59 -4.37 23.97 -15.95
C ALA A 59 -2.97 24.45 -15.77
N LEU A 60 -2.48 25.23 -16.73
CA LEU A 60 -1.13 25.77 -16.63
C LEU A 60 -1.02 26.85 -15.57
N ALA A 61 -2.10 27.60 -15.36
CA ALA A 61 -2.08 28.64 -14.34
C ALA A 61 -1.83 27.94 -13.00
N ASN A 62 -2.59 26.85 -12.82
CA ASN A 62 -2.51 26.03 -11.63
C ASN A 62 -1.12 25.44 -11.42
N ILE A 63 -0.56 24.76 -12.43
CA ILE A 63 0.75 24.19 -12.24
C ILE A 63 1.78 25.24 -11.86
N ALA A 64 1.55 26.49 -12.26
CA ALA A 64 2.50 27.55 -11.93
C ALA A 64 2.41 27.78 -10.44
N VAL A 65 1.19 27.78 -9.90
CA VAL A 65 1.05 27.96 -8.46
C VAL A 65 1.68 26.83 -7.67
N ASP A 66 1.33 25.60 -8.06
CA ASP A 66 1.84 24.36 -7.45
C ASP A 66 3.37 24.36 -7.39
N LYS A 67 4.01 24.84 -8.45
CA LYS A 67 5.46 24.88 -8.43
C LYS A 67 5.94 25.89 -7.41
N ALA A 68 5.27 27.03 -7.35
CA ALA A 68 5.63 28.06 -6.40
C ALA A 68 5.56 27.48 -5.01
N ASN A 69 4.45 26.80 -4.72
CA ASN A 69 4.27 26.21 -3.42
C ASN A 69 5.21 25.07 -3.15
N LEU A 70 5.70 24.41 -4.19
CA LEU A 70 6.62 23.33 -3.92
C LEU A 70 7.87 24.05 -3.40
N GLU A 71 8.34 25.05 -4.12
CA GLU A 71 9.53 25.76 -3.67
C GLU A 71 9.42 26.16 -2.21
N ILE A 72 8.26 26.67 -1.79
CA ILE A 72 8.06 27.10 -0.40
C ILE A 72 8.00 25.94 0.61
N MET A 73 7.35 24.84 0.24
CA MET A 73 7.24 23.69 1.11
C MET A 73 8.58 23.00 1.26
N THR A 74 9.29 22.86 0.15
CA THR A 74 10.61 22.23 0.13
C THR A 74 11.54 22.94 1.13
N LYS A 75 11.52 24.26 1.08
CA LYS A 75 12.31 25.09 1.96
C LYS A 75 11.83 24.99 3.41
N ARG A 76 10.52 25.02 3.66
CA ARG A 76 10.12 24.91 5.06
C ARG A 76 10.24 23.54 5.66
N SER A 77 10.37 22.53 4.82
CA SER A 77 10.55 21.17 5.30
C SER A 77 12.07 20.96 5.45
N ASN A 78 12.82 22.05 5.29
CA ASN A 78 14.26 22.00 5.36
C ASN A 78 14.76 20.94 4.41
N TYR A 79 14.22 20.96 3.20
CA TYR A 79 14.55 20.03 2.12
C TYR A 79 14.40 18.53 2.39
N THR A 80 13.32 18.16 3.07
CA THR A 80 13.02 16.78 3.33
C THR A 80 12.59 16.18 1.98
N PRO A 81 13.36 15.22 1.46
CA PRO A 81 13.07 14.57 0.19
C PRO A 81 12.02 13.46 0.27
N ILE A 82 11.43 13.10 -0.87
CA ILE A 82 10.41 12.05 -0.93
C ILE A 82 11.07 10.70 -0.83
N THR A 83 10.44 9.76 -0.14
CA THR A 83 10.97 8.41 0.03
C THR A 83 10.46 7.53 -1.10
N ASN A 84 11.34 7.09 -1.99
CA ASN A 84 10.86 6.29 -3.13
C ASN A 84 10.06 5.12 -2.62
N VAL A 85 8.95 4.73 -3.26
CA VAL A 85 8.09 3.60 -2.88
C VAL A 85 7.90 2.92 -4.19
N PRO A 86 8.48 1.73 -4.41
CA PRO A 86 8.39 0.95 -5.65
C PRO A 86 6.99 0.48 -5.95
N PRO A 87 6.70 0.29 -7.25
CA PRO A 87 5.42 -0.15 -7.81
C PRO A 87 5.15 -1.61 -7.92
N GLU A 88 3.90 -1.99 -7.70
CA GLU A 88 3.45 -3.36 -7.90
C GLU A 88 3.07 -3.35 -9.40
N VAL A 89 3.61 -4.30 -10.18
CA VAL A 89 3.36 -4.40 -11.61
C VAL A 89 2.58 -5.71 -11.82
N THR A 90 1.59 -5.71 -12.71
CA THR A 90 0.77 -6.87 -13.00
C THR A 90 0.48 -6.75 -14.47
N VAL A 91 0.56 -7.83 -15.23
CA VAL A 91 0.20 -7.79 -16.67
C VAL A 91 -1.03 -8.69 -16.85
N LEU A 92 -2.08 -8.20 -17.49
CA LEU A 92 -3.23 -9.05 -17.75
C LEU A 92 -3.79 -8.62 -19.06
N THR A 93 -4.65 -9.44 -19.65
CA THR A 93 -5.21 -9.08 -20.91
C THR A 93 -6.56 -8.44 -20.67
N ASN A 94 -7.12 -7.93 -21.75
CA ASN A 94 -8.40 -7.26 -21.82
C ASN A 94 -9.59 -8.22 -21.71
N SER A 95 -9.45 -9.40 -22.27
CA SER A 95 -10.51 -10.39 -22.24
C SER A 95 -9.87 -11.75 -22.45
N PRO A 96 -10.62 -12.82 -22.30
CA PRO A 96 -9.97 -14.11 -22.49
C PRO A 96 -9.32 -14.25 -23.85
N VAL A 97 -8.10 -14.78 -23.92
CA VAL A 97 -7.45 -14.92 -25.20
C VAL A 97 -7.83 -16.14 -26.00
N GLU A 98 -8.06 -15.89 -27.28
CA GLU A 98 -8.38 -16.93 -28.23
C GLU A 98 -7.31 -16.76 -29.30
N LEU A 99 -6.71 -17.86 -29.73
CA LEU A 99 -5.63 -17.78 -30.68
C LEU A 99 -6.09 -17.14 -31.93
N ARG A 100 -5.22 -16.25 -32.38
CA ARG A 100 -5.36 -15.53 -33.60
C ARG A 100 -6.61 -14.61 -33.68
N GLU A 101 -6.99 -14.11 -32.50
CA GLU A 101 -8.10 -13.19 -32.31
C GLU A 101 -7.51 -11.97 -31.58
N PRO A 102 -7.70 -10.78 -32.10
CA PRO A 102 -7.11 -9.64 -31.41
C PRO A 102 -7.48 -9.52 -29.96
N ASN A 103 -6.52 -9.01 -29.19
CA ASN A 103 -6.69 -8.76 -27.77
C ASN A 103 -5.77 -7.59 -27.39
N VAL A 104 -5.78 -7.23 -26.12
CA VAL A 104 -4.95 -6.17 -25.57
C VAL A 104 -4.37 -6.65 -24.25
N LEU A 105 -3.07 -6.33 -24.05
CA LEU A 105 -2.32 -6.63 -22.81
C LEU A 105 -2.21 -5.31 -22.03
N ILE A 106 -2.51 -5.40 -20.76
CA ILE A 106 -2.52 -4.27 -19.87
C ILE A 106 -1.43 -4.47 -18.86
N CYS A 107 -0.60 -3.49 -18.66
CA CYS A 107 0.45 -3.53 -17.64
C CYS A 107 -0.02 -2.48 -16.65
N PHE A 108 -0.49 -2.93 -15.51
CA PHE A 108 -0.97 -2.07 -14.47
C PHE A 108 0.14 -1.80 -13.48
N ILE A 109 0.61 -0.57 -13.36
CA ILE A 109 1.68 -0.22 -12.42
C ILE A 109 0.98 0.49 -11.29
N ASP A 110 1.13 0.03 -10.04
CA ASP A 110 0.38 0.55 -8.88
C ASP A 110 1.23 0.84 -7.63
N LYS A 111 0.63 1.54 -6.68
CA LYS A 111 1.25 1.93 -5.42
C LYS A 111 2.69 2.43 -5.45
N PHE A 112 2.99 3.47 -6.25
CA PHE A 112 4.33 4.02 -6.34
C PHE A 112 4.38 5.50 -6.18
N THR A 113 5.57 6.05 -5.96
CA THR A 113 5.81 7.50 -5.82
C THR A 113 7.34 7.57 -5.74
N PRO A 114 7.92 8.62 -6.28
CA PRO A 114 7.40 9.79 -7.01
C PRO A 114 6.81 9.34 -8.34
N PRO A 115 6.06 10.22 -8.98
CA PRO A 115 5.47 9.93 -10.27
C PRO A 115 6.39 10.08 -11.49
N VAL A 116 7.32 9.13 -11.62
CA VAL A 116 8.28 9.07 -12.72
C VAL A 116 8.53 7.56 -12.82
N VAL A 117 8.36 6.98 -14.00
CA VAL A 117 8.52 5.52 -14.16
C VAL A 117 8.79 5.34 -15.67
N ASN A 118 9.56 4.33 -16.08
CA ASN A 118 9.78 4.08 -17.52
C ASN A 118 9.10 2.75 -17.68
N VAL A 119 8.44 2.51 -18.81
CA VAL A 119 7.76 1.23 -19.07
C VAL A 119 8.04 0.82 -20.52
N THR A 120 8.21 -0.44 -20.76
CA THR A 120 8.46 -0.88 -22.12
C THR A 120 7.77 -2.20 -22.31
N TRP A 121 7.16 -2.42 -23.47
CA TRP A 121 6.54 -3.71 -23.76
C TRP A 121 7.59 -4.44 -24.56
N LEU A 122 7.99 -5.61 -24.14
CA LEU A 122 8.95 -6.35 -24.93
C LEU A 122 8.24 -7.56 -25.51
N ARG A 123 8.32 -7.76 -26.83
CA ARG A 123 7.76 -8.97 -27.45
C ARG A 123 8.97 -9.79 -27.84
N ASN A 124 9.07 -10.99 -27.29
CA ASN A 124 10.22 -11.85 -27.54
C ASN A 124 11.52 -11.07 -27.33
N GLY A 125 11.55 -10.22 -26.31
CA GLY A 125 12.75 -9.47 -26.04
C GLY A 125 12.86 -8.16 -26.75
N LYS A 126 12.10 -7.94 -27.81
CA LYS A 126 12.25 -6.67 -28.50
C LYS A 126 11.18 -5.73 -28.10
N PRO A 127 11.54 -4.46 -27.93
CA PRO A 127 10.58 -3.41 -27.57
C PRO A 127 9.50 -3.28 -28.63
N VAL A 128 8.26 -3.06 -28.24
CA VAL A 128 7.21 -2.92 -29.21
C VAL A 128 6.67 -1.53 -28.99
N THR A 129 6.43 -0.78 -30.06
CA THR A 129 5.90 0.58 -29.89
C THR A 129 4.65 0.78 -30.71
N THR A 130 4.32 -0.23 -31.50
CA THR A 130 3.14 -0.15 -32.33
C THR A 130 1.86 -0.39 -31.58
N GLY A 131 1.03 0.64 -31.52
CA GLY A 131 -0.24 0.49 -30.86
C GLY A 131 -0.18 0.77 -29.38
N VAL A 132 1.03 0.88 -28.85
CA VAL A 132 1.11 1.13 -27.45
C VAL A 132 0.47 2.46 -27.04
N SER A 133 -0.46 2.33 -26.10
CA SER A 133 -1.25 3.37 -25.48
C SER A 133 -0.83 3.35 -23.97
N GLU A 134 -1.06 4.41 -23.21
CA GLU A 134 -0.70 4.41 -21.79
C GLU A 134 -1.50 5.51 -21.21
N THR A 135 -1.67 5.53 -19.87
CA THR A 135 -2.39 6.63 -19.19
C THR A 135 -1.39 7.51 -18.44
N VAL A 136 -1.91 8.53 -17.79
CA VAL A 136 -1.09 9.45 -17.05
C VAL A 136 -1.20 8.91 -15.62
N PHE A 137 -0.38 9.39 -14.69
CA PHE A 137 -0.40 8.90 -13.32
C PHE A 137 -1.70 9.28 -12.69
N LEU A 138 -2.45 8.31 -12.19
CA LEU A 138 -3.74 8.55 -11.57
C LEU A 138 -3.47 8.61 -10.09
N PRO A 139 -4.20 9.46 -9.33
CA PRO A 139 -4.05 9.62 -7.88
C PRO A 139 -4.56 8.50 -7.03
N ARG A 140 -4.04 8.36 -5.80
CA ARG A 140 -4.53 7.32 -4.89
C ARG A 140 -4.83 7.94 -3.51
N GLU A 141 -5.80 7.38 -2.75
CA GLU A 141 -6.14 7.93 -1.41
C GLU A 141 -4.89 8.00 -0.57
N ASP A 142 -3.98 7.04 -0.76
CA ASP A 142 -2.74 6.98 -0.02
C ASP A 142 -1.66 7.91 -0.48
N HIS A 143 -2.03 8.72 -1.46
CA HIS A 143 -1.18 9.73 -2.03
C HIS A 143 -0.05 9.26 -2.87
N LEU A 144 -0.21 8.02 -3.31
CA LEU A 144 0.78 7.43 -4.19
C LEU A 144 0.04 7.51 -5.53
N PHE A 145 0.64 6.95 -6.58
CA PHE A 145 0.06 7.02 -7.91
C PHE A 145 -0.27 5.70 -8.49
N ARG A 146 -0.94 5.71 -9.64
CA ARG A 146 -1.33 4.48 -10.31
C ARG A 146 -1.14 4.74 -11.80
N LYS A 147 -0.96 3.73 -12.63
CA LYS A 147 -0.72 3.94 -14.08
C LYS A 147 -0.97 2.66 -14.80
N PHE A 148 -1.32 2.77 -16.09
CA PHE A 148 -1.61 1.62 -17.01
C PHE A 148 -0.96 1.85 -18.38
N HIS A 149 -0.65 0.77 -19.07
CA HIS A 149 -0.03 0.86 -20.38
C HIS A 149 -0.71 -0.26 -21.14
N TYR A 150 -0.92 -0.12 -22.46
CA TYR A 150 -1.63 -1.18 -23.18
C TYR A 150 -0.91 -1.54 -24.44
N LEU A 151 -1.03 -2.79 -24.86
CA LEU A 151 -0.36 -3.22 -26.09
C LEU A 151 -1.31 -4.13 -26.77
N PRO A 152 -1.98 -3.65 -27.83
CA PRO A 152 -2.93 -4.43 -28.59
C PRO A 152 -2.14 -5.54 -29.22
N PHE A 153 -2.57 -6.79 -29.12
CA PHE A 153 -1.76 -7.85 -29.71
C PHE A 153 -2.65 -8.92 -30.34
N LEU A 154 -2.03 -9.82 -31.10
CA LEU A 154 -2.75 -10.88 -31.75
C LEU A 154 -2.26 -12.16 -31.09
N PRO A 155 -3.11 -12.85 -30.33
CA PRO A 155 -2.66 -14.08 -29.68
C PRO A 155 -2.15 -15.22 -30.58
N SER A 156 -1.00 -15.81 -30.24
CA SER A 156 -0.37 -16.94 -30.98
C SER A 156 0.40 -17.79 -29.94
N THR A 157 0.83 -19.02 -30.26
CA THR A 157 1.61 -19.78 -29.28
C THR A 157 3.08 -19.46 -29.47
N GLU A 158 3.35 -18.63 -30.44
CA GLU A 158 4.69 -18.26 -30.82
C GLU A 158 5.38 -17.12 -30.06
N ASP A 159 4.68 -16.10 -29.60
CA ASP A 159 5.32 -14.99 -28.89
C ASP A 159 5.18 -14.97 -27.39
N VAL A 160 6.11 -14.30 -26.71
CA VAL A 160 6.06 -14.16 -25.25
C VAL A 160 6.23 -12.69 -25.06
N TYR A 161 5.66 -12.12 -23.99
CA TYR A 161 5.76 -10.68 -23.77
C TYR A 161 6.16 -10.42 -22.36
N ASP A 162 6.62 -9.18 -22.19
CA ASP A 162 7.03 -8.66 -20.89
C ASP A 162 6.70 -7.18 -20.85
N CYS A 163 6.53 -6.70 -19.63
CA CYS A 163 6.30 -5.31 -19.35
C CYS A 163 7.50 -4.98 -18.46
N ARG A 164 8.39 -4.14 -18.92
CA ARG A 164 9.54 -3.80 -18.13
C ARG A 164 9.39 -2.43 -17.54
N VAL A 165 9.29 -2.37 -16.23
CA VAL A 165 9.11 -1.12 -15.52
C VAL A 165 10.35 -0.68 -14.75
N GLU A 166 10.72 0.58 -14.91
CA GLU A 166 11.84 1.14 -14.17
C GLU A 166 11.32 2.27 -13.28
N HIS A 167 11.67 2.18 -12.00
CA HIS A 167 11.30 3.13 -10.96
C HIS A 167 12.46 3.30 -9.95
N TRP A 168 12.70 4.50 -9.43
CA TRP A 168 13.82 4.72 -8.53
C TRP A 168 13.72 3.97 -7.24
N GLY A 169 12.60 3.30 -7.02
CA GLY A 169 12.44 2.59 -5.75
C GLY A 169 12.83 1.15 -5.91
N LEU A 170 13.02 0.70 -7.14
CA LEU A 170 13.38 -0.68 -7.44
C LEU A 170 14.90 -0.75 -7.61
N ASP A 171 15.53 -1.83 -7.19
CA ASP A 171 16.98 -1.95 -7.35
C ASP A 171 17.46 -2.45 -8.69
N GLU A 172 16.53 -2.82 -9.58
CA GLU A 172 16.82 -3.30 -10.95
C GLU A 172 15.48 -3.35 -11.69
N PRO A 173 15.46 -3.19 -13.04
CA PRO A 173 14.14 -3.22 -13.74
C PRO A 173 13.24 -4.41 -13.42
N LEU A 174 11.93 -4.23 -13.47
CA LEU A 174 10.99 -5.30 -13.17
C LEU A 174 10.20 -5.80 -14.40
N LEU A 175 10.43 -7.08 -14.79
CA LEU A 175 9.71 -7.74 -15.93
C LEU A 175 8.55 -8.61 -15.45
N LYS A 176 7.34 -8.33 -15.92
CA LYS A 176 6.16 -9.09 -15.55
C LYS A 176 5.86 -9.73 -16.87
N HIS A 177 5.98 -11.06 -16.90
CA HIS A 177 5.82 -11.85 -18.11
C HIS A 177 4.40 -12.20 -18.52
N TRP A 178 4.19 -12.48 -19.82
CA TRP A 178 2.92 -12.97 -20.30
C TRP A 178 3.19 -13.78 -21.53
N GLU A 179 2.60 -14.98 -21.60
CA GLU A 179 2.68 -15.92 -22.72
C GLU A 179 1.52 -16.92 -22.58
N PHE A 180 0.86 -17.25 -23.70
CA PHE A 180 -0.29 -18.18 -23.77
C PHE A 180 -0.01 -19.56 -23.14
N ASP A 181 -0.86 -19.96 -22.21
CA ASP A 181 -0.73 -21.25 -21.53
C ASP A 181 -2.07 -21.94 -21.65
N GLY B 1 19.24 5.13 -10.77
CA GLY B 1 20.29 5.80 -11.52
C GLY B 1 20.42 7.22 -11.04
N ASP B 2 19.51 8.09 -11.51
CA ASP B 2 19.53 9.49 -11.09
C ASP B 2 19.37 9.48 -9.55
N THR B 3 20.41 9.92 -8.84
CA THR B 3 20.41 9.91 -7.38
C THR B 3 19.83 11.16 -6.69
N ARG B 4 19.64 12.23 -7.45
CA ARG B 4 19.10 13.48 -6.91
C ARG B 4 17.77 13.36 -6.18
N PRO B 5 17.67 13.96 -4.99
CA PRO B 5 16.45 13.90 -4.20
C PRO B 5 15.32 14.66 -4.89
N ARG B 6 14.11 14.11 -4.80
CA ARG B 6 12.97 14.77 -5.45
C ARG B 6 12.11 15.33 -4.36
N PHE B 7 11.31 16.32 -4.75
CA PHE B 7 10.38 16.98 -3.85
C PHE B 7 9.15 17.05 -4.69
N LEU B 8 8.01 16.69 -4.11
CA LEU B 8 6.79 16.64 -4.90
C LEU B 8 5.71 17.35 -4.21
N TRP B 9 4.88 18.07 -4.97
CA TRP B 9 3.72 18.80 -4.42
C TRP B 9 2.50 18.33 -5.23
N GLN B 10 1.41 18.08 -4.51
CA GLN B 10 0.19 17.56 -5.11
C GLN B 10 -1.00 18.30 -4.52
N LEU B 11 -1.98 18.67 -5.34
CA LEU B 11 -3.17 19.33 -4.85
C LEU B 11 -4.33 18.56 -5.41
N LYS B 12 -5.22 18.06 -4.55
CA LYS B 12 -6.38 17.26 -4.97
C LYS B 12 -7.66 17.94 -4.50
N PHE B 13 -8.70 18.00 -5.32
CA PHE B 13 -9.98 18.56 -4.89
C PHE B 13 -10.88 17.37 -5.07
N GLU B 14 -11.60 16.95 -4.04
CA GLU B 14 -12.44 15.78 -4.18
C GLU B 14 -13.87 16.10 -3.91
N CYS B 15 -14.73 15.73 -4.84
CA CYS B 15 -16.15 16.00 -4.66
C CYS B 15 -16.73 14.67 -4.36
N HIS B 16 -17.23 14.48 -3.15
CA HIS B 16 -17.82 13.20 -2.75
C HIS B 16 -19.30 13.28 -2.79
N PHE B 17 -19.88 12.42 -3.58
CA PHE B 17 -21.30 12.49 -3.77
C PHE B 17 -22.09 11.41 -3.13
N PHE B 18 -23.11 11.83 -2.41
CA PHE B 18 -24.01 10.89 -1.75
C PHE B 18 -25.45 11.07 -2.24
N ASN B 19 -26.10 9.94 -2.50
CA ASN B 19 -27.47 9.91 -2.94
C ASN B 19 -27.63 10.89 -4.06
N GLY B 20 -26.94 10.60 -5.16
CA GLY B 20 -26.91 11.47 -6.34
C GLY B 20 -26.02 12.61 -5.93
N THR B 21 -26.61 13.79 -5.83
CA THR B 21 -25.89 14.97 -5.35
C THR B 21 -26.72 15.47 -4.15
N GLU B 22 -27.38 14.59 -3.40
CA GLU B 22 -28.21 15.08 -2.31
C GLU B 22 -27.31 15.56 -1.22
N ARG B 23 -26.21 14.87 -1.04
CA ARG B 23 -25.24 15.32 -0.06
C ARG B 23 -23.96 15.33 -0.86
N VAL B 24 -23.24 16.44 -0.79
CA VAL B 24 -21.99 16.61 -1.50
C VAL B 24 -21.00 17.17 -0.48
N ARG B 25 -19.77 16.66 -0.50
CA ARG B 25 -18.72 17.14 0.39
C ARG B 25 -17.46 17.32 -0.40
N LEU B 26 -16.95 18.53 -0.41
CA LEU B 26 -15.72 18.82 -1.10
C LEU B 26 -14.64 18.76 -0.03
N LEU B 27 -13.55 18.11 -0.35
CA LEU B 27 -12.42 18.00 0.52
C LEU B 27 -11.24 18.38 -0.39
N GLU B 28 -10.62 19.52 -0.15
CA GLU B 28 -9.48 19.90 -0.95
C GLU B 28 -8.29 19.58 -0.10
N ARG B 29 -7.23 19.03 -0.67
CA ARG B 29 -6.10 18.70 0.18
C ARG B 29 -4.75 18.88 -0.40
N CYS B 30 -3.82 19.42 0.39
CA CYS B 30 -2.43 19.61 -0.04
C CYS B 30 -1.59 18.54 0.55
N ILE B 31 -0.80 17.92 -0.28
CA ILE B 31 0.03 16.82 0.16
C ILE B 31 1.46 17.21 -0.17
N TYR B 32 2.38 17.25 0.80
CA TYR B 32 3.75 17.59 0.47
C TYR B 32 4.35 16.39 -0.23
N ASN B 33 5.21 15.58 0.38
CA ASN B 33 5.70 14.45 -0.44
C ASN B 33 4.63 13.37 -0.45
N GLN B 34 4.40 12.67 0.65
CA GLN B 34 3.31 11.70 0.69
C GLN B 34 2.57 12.02 1.95
N GLU B 35 2.84 13.21 2.47
CA GLU B 35 2.26 13.72 3.72
C GLU B 35 1.28 14.86 3.43
N GLU B 36 0.01 14.68 3.77
CA GLU B 36 -0.99 15.73 3.57
C GLU B 36 -0.78 16.71 4.69
N SER B 37 -0.54 17.97 4.33
CA SER B 37 -0.28 19.04 5.27
C SER B 37 -1.44 19.96 5.69
N VAL B 38 -2.33 20.32 4.77
CA VAL B 38 -3.50 21.17 5.04
C VAL B 38 -4.66 20.73 4.14
N ARG B 39 -5.90 20.94 4.56
CA ARG B 39 -7.03 20.62 3.70
C ARG B 39 -8.24 21.46 4.05
N PHE B 40 -9.22 21.52 3.17
CA PHE B 40 -10.44 22.27 3.42
C PHE B 40 -11.51 21.25 3.28
N ASP B 41 -12.32 21.06 4.31
CA ASP B 41 -13.37 20.08 4.28
C ASP B 41 -14.65 20.85 4.40
N SER B 42 -15.52 20.74 3.40
CA SER B 42 -16.78 21.49 3.44
C SER B 42 -17.64 21.29 4.69
N ASP B 43 -17.46 20.14 5.35
CA ASP B 43 -18.21 19.83 6.57
C ASP B 43 -17.70 20.62 7.76
N VAL B 44 -16.52 21.20 7.63
CA VAL B 44 -15.93 21.97 8.69
C VAL B 44 -16.05 23.44 8.38
N GLY B 45 -15.82 23.80 7.12
CA GLY B 45 -15.97 25.21 6.75
C GLY B 45 -14.71 26.05 6.68
N GLU B 46 -13.58 25.46 7.01
CA GLU B 46 -12.33 26.20 6.97
C GLU B 46 -11.13 25.28 6.85
N TYR B 47 -9.98 25.86 6.59
CA TYR B 47 -8.78 25.07 6.44
C TYR B 47 -8.34 24.56 7.81
N ARG B 48 -7.67 23.42 7.84
CA ARG B 48 -7.21 22.87 9.09
C ARG B 48 -5.89 22.29 8.76
N ALA B 49 -4.84 22.67 9.48
CA ALA B 49 -3.53 22.12 9.21
C ALA B 49 -3.70 20.66 9.57
N VAL B 50 -3.21 19.77 8.72
CA VAL B 50 -3.31 18.37 9.00
C VAL B 50 -2.02 17.98 9.72
N THR B 51 -0.90 18.56 9.34
CA THR B 51 0.33 18.26 10.04
C THR B 51 0.99 19.61 10.35
N GLU B 52 2.05 19.64 11.13
CA GLU B 52 2.66 20.93 11.44
C GLU B 52 3.17 21.83 10.29
N LEU B 53 3.34 21.30 9.08
CA LEU B 53 3.80 22.09 7.93
C LEU B 53 2.72 23.02 7.37
N GLY B 54 1.51 22.53 7.49
CA GLY B 54 0.37 23.24 6.98
C GLY B 54 -0.16 24.31 7.88
N ARG B 55 0.18 24.26 9.16
CA ARG B 55 -0.32 25.30 10.07
C ARG B 55 -0.19 26.72 9.52
N PRO B 56 0.98 27.06 8.94
CA PRO B 56 1.08 28.43 8.41
C PRO B 56 -0.01 28.70 7.36
N ASP B 57 -0.18 27.72 6.46
CA ASP B 57 -1.15 27.79 5.38
C ASP B 57 -2.54 27.81 5.91
N ALA B 58 -2.88 26.90 6.79
CA ALA B 58 -4.23 26.91 7.32
C ALA B 58 -4.55 28.26 7.95
N GLU B 59 -3.60 28.79 8.73
CA GLU B 59 -3.82 30.08 9.38
C GLU B 59 -3.95 31.23 8.40
N TYR B 60 -3.11 31.24 7.38
CA TYR B 60 -3.12 32.29 6.37
C TYR B 60 -4.35 32.24 5.53
N TRP B 61 -4.58 31.12 4.89
CA TRP B 61 -5.75 30.98 4.02
C TRP B 61 -7.07 31.24 4.76
N ASN B 62 -7.16 30.91 6.03
CA ASN B 62 -8.40 31.16 6.74
C ASN B 62 -8.58 32.64 7.02
N SER B 63 -7.52 33.43 6.88
CA SER B 63 -7.52 34.89 7.10
C SER B 63 -8.21 35.62 5.93
N GLN B 64 -8.06 35.02 4.75
CA GLN B 64 -8.63 35.52 3.52
C GLN B 64 -10.09 35.10 3.41
N LYS B 65 -10.99 35.85 4.03
CA LYS B 65 -12.40 35.49 3.99
C LYS B 65 -12.98 35.35 2.56
N ASP B 66 -12.35 35.99 1.59
CA ASP B 66 -12.75 35.88 0.15
C ASP B 66 -12.70 34.40 -0.27
N LEU B 67 -11.52 33.81 -0.08
CA LEU B 67 -11.20 32.43 -0.39
C LEU B 67 -12.22 31.54 0.32
N LEU B 68 -12.30 31.69 1.65
CA LEU B 68 -13.25 30.89 2.43
C LEU B 68 -14.68 30.88 1.96
N GLU B 69 -15.12 31.94 1.30
CA GLU B 69 -16.51 31.94 0.85
C GLU B 69 -16.71 31.25 -0.47
N GLN B 70 -15.74 31.38 -1.38
CA GLN B 70 -15.74 30.75 -2.71
C GLN B 70 -15.75 29.23 -2.57
N ARG B 71 -14.84 28.75 -1.70
CA ARG B 71 -14.69 27.35 -1.38
C ARG B 71 -15.99 26.84 -0.75
N ARG B 72 -16.54 27.61 0.17
CA ARG B 72 -17.78 27.20 0.81
C ARG B 72 -18.88 27.01 -0.20
N ALA B 73 -18.84 27.77 -1.29
CA ALA B 73 -19.84 27.68 -2.34
C ALA B 73 -19.42 26.68 -3.39
N ALA B 74 -18.19 26.18 -3.27
CA ALA B 74 -17.66 25.19 -4.21
C ALA B 74 -18.50 23.94 -4.34
N VAL B 75 -19.16 23.47 -3.28
CA VAL B 75 -19.97 22.25 -3.43
C VAL B 75 -21.09 22.43 -4.39
N ASP B 76 -21.46 23.68 -4.68
CA ASP B 76 -22.53 23.98 -5.65
C ASP B 76 -21.89 24.51 -6.93
N THR B 77 -20.96 25.45 -6.79
CA THR B 77 -20.37 26.03 -7.97
C THR B 77 -19.46 25.12 -8.72
N TYR B 78 -18.77 24.23 -8.01
CA TYR B 78 -17.80 23.33 -8.61
C TYR B 78 -18.28 21.90 -8.65
N CYS B 79 -18.56 21.35 -7.49
CA CYS B 79 -18.94 19.95 -7.38
C CYS B 79 -20.20 19.62 -8.09
N ARG B 80 -21.31 20.16 -7.64
CA ARG B 80 -22.57 19.87 -8.29
C ARG B 80 -22.57 20.27 -9.76
N HIS B 81 -21.79 21.28 -10.10
CA HIS B 81 -21.74 21.67 -11.47
C HIS B 81 -21.05 20.64 -12.34
N ASN B 82 -19.90 20.14 -11.91
CA ASN B 82 -19.16 19.14 -12.67
C ASN B 82 -19.91 17.82 -12.68
N TYR B 83 -20.55 17.43 -11.61
CA TYR B 83 -21.29 16.18 -11.63
C TYR B 83 -22.32 16.27 -12.73
N GLY B 84 -22.89 17.47 -12.92
CA GLY B 84 -23.92 17.71 -13.92
C GLY B 84 -23.43 17.79 -15.35
N VAL B 85 -22.14 18.32 -15.55
CA VAL B 85 -21.48 18.45 -16.85
C VAL B 85 -21.11 17.05 -17.32
N GLY B 86 -20.66 16.20 -16.39
CA GLY B 86 -20.28 14.83 -16.75
C GLY B 86 -21.28 13.70 -16.58
N GLU B 87 -22.41 13.95 -15.92
CA GLU B 87 -23.39 12.91 -15.66
C GLU B 87 -23.73 11.85 -16.69
N SER B 88 -24.05 12.25 -17.92
CA SER B 88 -24.41 11.30 -19.00
C SER B 88 -23.28 10.40 -19.51
N PHE B 89 -22.05 10.89 -19.44
CA PHE B 89 -20.96 10.07 -19.93
C PHE B 89 -20.10 9.41 -18.79
N THR B 90 -20.45 9.63 -17.56
CA THR B 90 -19.65 9.03 -16.54
C THR B 90 -20.63 8.35 -15.63
N VAL B 91 -21.29 9.11 -14.78
CA VAL B 91 -22.27 8.55 -13.86
C VAL B 91 -23.29 7.66 -14.57
N GLN B 92 -23.70 8.00 -15.79
CA GLN B 92 -24.71 7.20 -16.47
C GLN B 92 -24.14 6.28 -17.53
N ARG B 93 -22.84 5.95 -17.45
CA ARG B 93 -22.19 5.05 -18.39
C ARG B 93 -22.63 3.66 -18.13
N ARG B 94 -23.06 2.93 -19.15
CA ARG B 94 -23.43 1.55 -18.96
C ARG B 94 -23.00 0.75 -20.18
N VAL B 95 -22.05 -0.13 -19.97
CA VAL B 95 -21.50 -1.00 -21.01
C VAL B 95 -21.79 -2.37 -20.39
N GLU B 96 -22.44 -3.23 -21.18
CA GLU B 96 -22.87 -4.55 -20.78
C GLU B 96 -21.69 -5.48 -20.85
N PRO B 97 -21.70 -6.50 -20.02
CA PRO B 97 -20.58 -7.41 -20.09
C PRO B 97 -20.80 -8.63 -21.00
N LYS B 98 -19.73 -9.27 -21.43
CA LYS B 98 -19.96 -10.52 -22.08
C LYS B 98 -19.41 -11.58 -21.19
N VAL B 99 -20.25 -12.57 -20.93
CA VAL B 99 -19.98 -13.69 -20.07
C VAL B 99 -19.49 -14.87 -20.91
N THR B 100 -18.55 -15.64 -20.37
CA THR B 100 -17.96 -16.75 -21.08
C THR B 100 -17.61 -17.70 -20.00
N VAL B 101 -18.04 -18.95 -20.15
CA VAL B 101 -17.75 -20.00 -19.18
C VAL B 101 -16.90 -21.04 -19.89
N TYR B 102 -15.76 -21.41 -19.32
CA TYR B 102 -14.88 -22.43 -19.90
C TYR B 102 -14.14 -23.13 -18.79
N PRO B 103 -14.01 -24.44 -18.85
CA PRO B 103 -13.26 -25.11 -17.79
C PRO B 103 -11.79 -24.76 -17.96
N SER B 104 -11.08 -24.53 -16.87
CA SER B 104 -9.65 -24.16 -16.84
C SER B 104 -8.65 -25.06 -17.57
N LYS B 105 -8.77 -26.39 -17.49
CA LYS B 105 -7.83 -27.28 -18.23
C LYS B 105 -8.65 -28.30 -19.02
N THR B 106 -8.87 -28.05 -20.31
CA THR B 106 -9.68 -28.95 -21.12
C THR B 106 -9.17 -30.40 -21.07
N GLN B 107 -9.67 -31.12 -20.09
CA GLN B 107 -9.29 -32.52 -19.83
C GLN B 107 -10.54 -33.31 -19.40
N PRO B 108 -10.46 -34.66 -19.35
CA PRO B 108 -11.57 -35.55 -18.96
C PRO B 108 -12.21 -35.49 -17.56
N LEU B 109 -13.41 -36.07 -17.51
CA LEU B 109 -14.34 -36.15 -16.35
C LEU B 109 -13.92 -36.73 -15.00
N GLN B 110 -14.87 -36.65 -14.07
CA GLN B 110 -14.71 -37.20 -12.72
C GLN B 110 -13.38 -36.82 -12.10
N HIS B 111 -12.99 -35.57 -12.32
CA HIS B 111 -11.74 -35.05 -11.81
C HIS B 111 -11.84 -33.54 -11.54
N HIS B 112 -11.10 -33.11 -10.52
CA HIS B 112 -11.07 -31.73 -10.11
C HIS B 112 -10.83 -30.79 -11.27
N ASN B 113 -11.73 -29.85 -11.49
CA ASN B 113 -11.50 -28.83 -12.52
C ASN B 113 -12.21 -27.57 -12.08
N LEU B 114 -11.65 -26.43 -12.46
CA LEU B 114 -12.23 -25.13 -12.12
C LEU B 114 -13.00 -24.67 -13.32
N LEU B 115 -14.27 -24.35 -13.16
CA LEU B 115 -15.00 -23.81 -14.29
C LEU B 115 -14.76 -22.31 -14.20
N VAL B 116 -14.57 -21.64 -15.33
CA VAL B 116 -14.30 -20.24 -15.29
C VAL B 116 -15.42 -19.43 -15.90
N CYS B 117 -15.88 -18.42 -15.18
CA CYS B 117 -16.89 -17.57 -15.71
C CYS B 117 -16.18 -16.26 -15.81
N SER B 118 -15.85 -15.88 -17.03
CA SER B 118 -15.18 -14.64 -17.37
C SER B 118 -16.21 -13.56 -17.68
N VAL B 119 -16.22 -12.48 -16.92
CA VAL B 119 -17.16 -11.38 -17.11
C VAL B 119 -16.28 -10.18 -17.42
N SER B 120 -16.40 -9.62 -18.64
CA SER B 120 -15.54 -8.53 -19.03
C SER B 120 -16.18 -7.43 -19.80
N GLY B 121 -15.49 -6.30 -19.77
CA GLY B 121 -15.88 -5.12 -20.49
C GLY B 121 -17.04 -4.31 -20.02
N PHE B 122 -17.39 -4.38 -18.73
CA PHE B 122 -18.54 -3.62 -18.26
C PHE B 122 -18.19 -2.36 -17.54
N TYR B 123 -19.21 -1.55 -17.35
CA TYR B 123 -19.10 -0.31 -16.60
C TYR B 123 -20.54 0.02 -16.24
N PRO B 124 -20.82 0.37 -14.98
CA PRO B 124 -20.04 0.53 -13.74
C PRO B 124 -19.46 -0.80 -13.24
N GLY B 125 -18.65 -0.74 -12.19
CA GLY B 125 -18.06 -1.95 -11.70
C GLY B 125 -18.97 -2.76 -10.82
N SER B 126 -20.20 -2.31 -10.55
CA SER B 126 -21.10 -3.08 -9.66
C SER B 126 -21.71 -4.23 -10.41
N ILE B 127 -21.37 -5.45 -10.00
CA ILE B 127 -21.88 -6.61 -10.68
C ILE B 127 -22.10 -7.71 -9.65
N GLU B 128 -22.80 -8.75 -10.04
CA GLU B 128 -23.06 -9.86 -9.14
C GLU B 128 -22.96 -11.07 -10.07
N VAL B 129 -22.01 -11.97 -9.84
CA VAL B 129 -21.87 -13.16 -10.69
C VAL B 129 -22.03 -14.36 -9.78
N ARG B 130 -22.93 -15.25 -10.11
CA ARG B 130 -23.19 -16.41 -9.27
C ARG B 130 -23.08 -17.67 -10.03
N TRP B 131 -22.73 -18.74 -9.35
CA TRP B 131 -22.59 -20.05 -9.97
C TRP B 131 -23.73 -20.93 -9.49
N PHE B 132 -24.33 -21.73 -10.37
CA PHE B 132 -25.40 -22.62 -9.91
C PHE B 132 -25.11 -24.05 -10.35
N ARG B 133 -25.17 -25.01 -9.40
CA ARG B 133 -24.98 -26.47 -9.67
C ARG B 133 -26.40 -27.01 -9.87
N ASN B 134 -26.68 -27.37 -11.13
CA ASN B 134 -27.99 -27.83 -11.55
C ASN B 134 -29.11 -27.03 -10.89
N GLY B 135 -29.13 -25.73 -11.20
CA GLY B 135 -30.15 -24.87 -10.65
C GLY B 135 -30.01 -24.54 -9.18
N GLN B 136 -28.95 -24.99 -8.54
CA GLN B 136 -28.80 -24.66 -7.11
C GLN B 136 -27.51 -23.86 -6.89
N GLU B 137 -27.54 -22.86 -5.99
CA GLU B 137 -26.42 -21.93 -5.74
C GLU B 137 -25.17 -22.35 -5.02
N GLU B 138 -24.06 -22.08 -5.68
CA GLU B 138 -22.75 -22.46 -5.20
C GLU B 138 -21.97 -21.43 -4.46
N LYS B 139 -21.87 -21.57 -3.15
CA LYS B 139 -21.09 -20.61 -2.37
C LYS B 139 -19.79 -21.24 -1.86
N ALA B 140 -19.43 -22.39 -2.42
CA ALA B 140 -18.22 -23.03 -1.96
C ALA B 140 -17.28 -23.27 -3.12
N GLY B 141 -16.02 -22.92 -2.90
CA GLY B 141 -15.02 -23.13 -3.93
C GLY B 141 -15.02 -22.12 -5.03
N VAL B 142 -15.45 -20.92 -4.72
CA VAL B 142 -15.44 -19.96 -5.77
C VAL B 142 -14.22 -19.08 -5.62
N VAL B 143 -13.25 -19.33 -6.45
CA VAL B 143 -12.03 -18.57 -6.46
C VAL B 143 -12.36 -17.41 -7.38
N SER B 144 -12.67 -16.25 -6.80
CA SER B 144 -12.94 -15.03 -7.57
C SER B 144 -11.79 -14.07 -7.41
N THR B 145 -11.57 -13.39 -8.51
CA THR B 145 -10.52 -12.45 -8.77
C THR B 145 -10.80 -11.04 -8.23
N GLY B 146 -12.01 -10.80 -7.79
CA GLY B 146 -12.29 -9.44 -7.42
C GLY B 146 -12.63 -8.69 -8.71
N LEU B 147 -12.87 -7.41 -8.60
CA LEU B 147 -13.21 -6.62 -9.77
C LEU B 147 -11.93 -5.98 -10.26
N ILE B 148 -11.71 -6.00 -11.57
CA ILE B 148 -10.52 -5.44 -12.15
C ILE B 148 -10.86 -4.20 -12.94
N GLN B 149 -10.24 -3.08 -12.59
CA GLN B 149 -10.45 -1.81 -13.27
C GLN B 149 -9.40 -1.87 -14.31
N ASN B 150 -9.80 -1.90 -15.58
CA ASN B 150 -8.87 -2.00 -16.72
C ASN B 150 -8.22 -0.72 -17.16
N GLY B 151 -8.74 0.41 -16.71
CA GLY B 151 -8.13 1.67 -17.09
C GLY B 151 -8.71 2.42 -18.26
N ASP B 152 -9.53 1.75 -19.08
CA ASP B 152 -10.14 2.33 -20.26
C ASP B 152 -11.67 2.48 -20.13
N TRP B 153 -12.10 2.72 -18.91
CA TRP B 153 -13.51 2.85 -18.58
C TRP B 153 -14.29 1.57 -18.72
N THR B 154 -13.59 0.47 -18.47
CA THR B 154 -14.15 -0.85 -18.55
C THR B 154 -13.59 -1.63 -17.36
N PHE B 155 -14.37 -2.59 -16.81
CA PHE B 155 -13.96 -3.51 -15.68
C PHE B 155 -14.07 -4.97 -16.15
N GLN B 156 -13.45 -5.91 -15.45
CA GLN B 156 -13.59 -7.33 -15.80
C GLN B 156 -13.50 -8.09 -14.53
N THR B 157 -13.91 -9.34 -14.53
CA THR B 157 -13.80 -10.15 -13.33
C THR B 157 -13.89 -11.61 -13.79
N LEU B 158 -13.14 -12.50 -13.13
CA LEU B 158 -13.16 -13.93 -13.39
C LEU B 158 -13.52 -14.64 -12.10
N VAL B 159 -14.64 -15.36 -12.12
CA VAL B 159 -15.12 -16.07 -10.97
C VAL B 159 -15.11 -17.54 -11.26
N MET B 160 -14.24 -18.27 -10.56
CA MET B 160 -14.09 -19.71 -10.76
C MET B 160 -14.90 -20.53 -9.81
N LEU B 161 -15.09 -21.79 -10.21
CA LEU B 161 -15.86 -22.72 -9.41
C LEU B 161 -15.13 -24.03 -9.41
N GLU B 162 -14.79 -24.50 -8.23
CA GLU B 162 -14.13 -25.78 -8.10
C GLU B 162 -15.25 -26.78 -8.23
N THR B 163 -15.12 -27.69 -9.19
CA THR B 163 -16.11 -28.73 -9.44
C THR B 163 -15.41 -30.06 -9.64
N VAL B 164 -16.14 -31.14 -9.38
CA VAL B 164 -15.67 -32.51 -9.61
C VAL B 164 -16.69 -32.86 -10.68
N PRO B 165 -16.42 -32.49 -11.94
CA PRO B 165 -17.41 -32.81 -12.97
C PRO B 165 -17.93 -34.25 -13.08
N ARG B 166 -19.24 -34.35 -12.91
CA ARG B 166 -19.98 -35.59 -13.04
C ARG B 166 -21.05 -35.23 -14.04
N SER B 167 -21.12 -35.99 -15.13
CA SER B 167 -22.02 -35.72 -16.24
C SER B 167 -23.49 -35.70 -15.94
N GLY B 168 -24.19 -35.13 -16.91
CA GLY B 168 -25.61 -34.94 -16.81
C GLY B 168 -25.80 -33.62 -16.06
N GLU B 169 -24.70 -33.10 -15.50
CA GLU B 169 -24.84 -31.85 -14.78
C GLU B 169 -24.71 -30.65 -15.66
N VAL B 170 -25.26 -29.57 -15.16
CA VAL B 170 -25.26 -28.29 -15.83
C VAL B 170 -24.92 -27.26 -14.75
N TYR B 171 -23.94 -26.41 -15.06
CA TYR B 171 -23.51 -25.35 -14.15
C TYR B 171 -23.81 -24.10 -14.94
N THR B 172 -24.32 -23.11 -14.21
CA THR B 172 -24.71 -21.85 -14.81
C THR B 172 -24.06 -20.70 -14.10
N CYS B 173 -23.54 -19.78 -14.90
CA CYS B 173 -22.95 -18.56 -14.42
C CYS B 173 -23.99 -17.49 -14.68
N GLN B 174 -24.42 -16.88 -13.58
CA GLN B 174 -25.44 -15.87 -13.68
C GLN B 174 -24.88 -14.53 -13.32
N VAL B 175 -25.04 -13.56 -14.22
CA VAL B 175 -24.52 -12.21 -14.00
C VAL B 175 -25.59 -11.14 -13.97
N GLU B 176 -25.55 -10.33 -12.93
CA GLU B 176 -26.47 -9.23 -12.79
C GLU B 176 -25.69 -7.92 -12.83
N HIS B 177 -26.10 -6.98 -13.68
CA HIS B 177 -25.39 -5.72 -13.76
C HIS B 177 -26.38 -4.60 -14.17
N PRO B 178 -26.12 -3.33 -13.77
CA PRO B 178 -27.02 -2.21 -14.11
C PRO B 178 -27.43 -2.14 -15.56
N SER B 179 -26.60 -2.62 -16.46
CA SER B 179 -26.94 -2.54 -17.87
C SER B 179 -27.88 -3.58 -18.41
N VAL B 180 -28.49 -4.38 -17.56
CA VAL B 180 -29.42 -5.40 -18.07
C VAL B 180 -30.57 -5.49 -17.09
N THR B 181 -31.77 -5.71 -17.61
CA THR B 181 -32.94 -5.82 -16.73
C THR B 181 -33.00 -7.21 -16.10
N SER B 182 -32.80 -8.22 -16.94
CA SER B 182 -32.80 -9.63 -16.53
C SER B 182 -31.35 -10.11 -16.57
N PRO B 183 -30.96 -11.02 -15.66
CA PRO B 183 -29.58 -11.47 -15.71
C PRO B 183 -29.19 -12.29 -16.91
N LEU B 184 -27.93 -12.12 -17.31
CA LEU B 184 -27.28 -12.88 -18.38
C LEU B 184 -26.93 -14.17 -17.66
N THR B 185 -26.94 -15.31 -18.34
CA THR B 185 -26.58 -16.59 -17.72
C THR B 185 -25.84 -17.36 -18.79
N VAL B 186 -24.77 -18.02 -18.41
CA VAL B 186 -24.05 -18.81 -19.38
C VAL B 186 -23.93 -20.13 -18.71
N GLU B 187 -24.40 -21.13 -19.43
CA GLU B 187 -24.51 -22.48 -18.95
C GLU B 187 -23.41 -23.36 -19.49
N TRP B 188 -23.08 -24.35 -18.69
CA TRP B 188 -22.06 -25.30 -19.05
C TRP B 188 -22.50 -26.73 -18.70
N ARG B 189 -22.31 -27.65 -19.65
CA ARG B 189 -22.67 -29.02 -19.44
C ARG B 189 -21.47 -29.97 -19.32
N ALA B 190 -21.48 -30.67 -18.17
CA ALA B 190 -20.47 -31.63 -17.74
C ALA B 190 -20.30 -32.78 -18.73
N ARG B 191 -19.34 -32.58 -19.64
CA ARG B 191 -18.99 -33.51 -20.73
C ARG B 191 -19.53 -34.93 -20.61
N SER B 192 -20.45 -35.26 -21.51
CA SER B 192 -21.04 -36.60 -21.53
C SER B 192 -20.24 -37.51 -22.48
N UNK C 1 -22.08 21.31 -20.35
CA UNK C 1 -20.89 21.45 -21.18
C UNK C 1 -19.50 21.72 -20.55
N UNK C 2 -19.28 22.84 -19.88
CA UNK C 2 -17.93 23.07 -19.36
C UNK C 2 -17.64 22.58 -17.96
N UNK C 3 -16.52 21.89 -17.82
CA UNK C 3 -16.06 21.37 -16.53
C UNK C 3 -15.29 22.56 -15.98
N UNK C 4 -15.53 22.88 -14.72
CA UNK C 4 -14.86 24.00 -14.09
C UNK C 4 -13.70 23.48 -13.22
N UNK C 5 -12.57 24.18 -13.23
CA UNK C 5 -11.36 23.87 -12.46
C UNK C 5 -11.39 24.65 -11.11
N UNK C 6 -10.72 24.18 -10.06
CA UNK C 6 -10.71 25.01 -8.87
C UNK C 6 -9.28 25.42 -8.97
N UNK C 7 -9.00 26.65 -8.62
CA UNK C 7 -7.66 27.18 -8.77
C UNK C 7 -6.89 26.96 -7.54
N UNK C 8 -5.59 26.82 -7.70
CA UNK C 8 -4.71 26.60 -6.58
C UNK C 8 -4.35 27.93 -5.89
N UNK C 9 -4.48 27.95 -4.55
CA UNK C 9 -4.14 29.13 -3.71
C UNK C 9 -2.62 29.15 -3.50
N UNK C 10 -2.07 30.29 -3.08
CA UNK C 10 -0.63 30.34 -2.86
C UNK C 10 -0.27 30.26 -1.37
N UNK C 11 0.75 29.44 -1.09
CA UNK C 11 1.28 29.20 0.27
C UNK C 11 1.93 30.45 0.89
N UNK C 12 2.28 30.36 2.17
CA UNK C 12 2.89 31.49 2.88
C UNK C 12 4.40 31.64 2.71
N UNK C 13 4.77 32.83 2.21
CA UNK C 13 6.14 33.24 1.99
C UNK C 13 6.77 32.54 0.78
N SER D 1 11.49 19.31 -48.16
CA SER D 1 11.01 18.06 -47.58
C SER D 1 9.50 18.09 -47.41
N GLN D 2 9.00 19.13 -46.75
CA GLN D 2 7.58 19.29 -46.52
C GLN D 2 6.88 19.58 -47.84
N PRO D 3 5.89 18.76 -48.18
CA PRO D 3 5.16 18.97 -49.42
C PRO D 3 4.45 20.31 -49.42
N ASP D 4 4.43 20.98 -50.57
CA ASP D 4 3.75 22.26 -50.66
C ASP D 4 2.26 21.97 -50.49
N PRO D 5 1.47 22.95 -50.00
CA PRO D 5 0.04 22.82 -49.73
C PRO D 5 -0.96 22.29 -50.69
N LYS D 6 -1.73 21.31 -50.21
CA LYS D 6 -2.82 20.75 -50.97
C LYS D 6 -3.70 21.98 -50.85
N PRO D 7 -4.08 22.59 -51.99
CA PRO D 7 -4.89 23.81 -52.17
C PRO D 7 -5.92 24.19 -51.12
N ASP D 8 -6.52 23.18 -50.50
CA ASP D 8 -7.56 23.38 -49.50
C ASP D 8 -6.97 23.68 -48.14
N GLU D 9 -5.69 23.40 -47.99
CA GLU D 9 -4.99 23.60 -46.74
C GLU D 9 -5.05 25.02 -46.22
N LEU D 10 -4.40 25.90 -46.96
CA LEU D 10 -4.29 27.30 -46.59
C LEU D 10 -5.46 27.90 -45.82
N HIS D 11 -5.12 28.79 -44.89
CA HIS D 11 -6.07 29.45 -44.06
C HIS D 11 -6.63 30.66 -44.76
N LYS D 12 -7.92 30.87 -44.61
CA LYS D 12 -8.60 31.98 -45.24
C LYS D 12 -8.93 33.07 -44.25
N SER D 13 -8.34 34.25 -44.43
CA SER D 13 -8.61 35.38 -43.57
C SER D 13 -10.12 35.71 -43.51
N SER D 14 -10.82 35.47 -44.61
CA SER D 14 -12.26 35.75 -44.69
C SER D 14 -13.02 34.88 -43.70
N LYS D 15 -12.44 33.76 -43.35
CA LYS D 15 -13.06 32.82 -42.43
C LYS D 15 -12.77 33.14 -40.98
N PHE D 16 -12.08 34.23 -40.73
CA PHE D 16 -11.72 34.63 -39.38
C PHE D 16 -12.58 35.83 -39.02
N THR D 17 -12.83 36.07 -37.73
CA THR D 17 -13.71 37.17 -37.33
C THR D 17 -13.22 38.32 -36.45
N GLY D 18 -12.40 38.03 -35.46
CA GLY D 18 -12.01 39.10 -34.58
C GLY D 18 -10.64 39.70 -34.58
N LEU D 19 -10.61 40.93 -35.04
CA LEU D 19 -9.39 41.69 -35.06
C LEU D 19 -8.09 40.96 -35.40
N MET D 20 -7.75 41.02 -36.67
CA MET D 20 -6.53 40.44 -37.17
C MET D 20 -5.38 41.27 -36.58
N GLU D 21 -5.71 42.32 -35.82
CA GLU D 21 -4.71 43.20 -35.21
C GLU D 21 -3.84 42.44 -34.25
N ASN D 22 -4.45 41.49 -33.56
CA ASN D 22 -3.72 40.69 -32.60
C ASN D 22 -2.77 39.68 -33.25
N MET D 23 -2.84 39.55 -34.57
CA MET D 23 -1.96 38.69 -35.35
C MET D 23 -0.87 39.66 -35.74
N LYS D 24 -1.30 40.81 -36.24
CA LYS D 24 -0.37 41.84 -36.65
C LYS D 24 0.57 42.23 -35.52
N VAL D 25 0.05 42.37 -34.30
CA VAL D 25 0.84 42.79 -33.12
C VAL D 25 2.07 41.95 -32.82
N LEU D 26 2.02 40.69 -33.25
CA LEU D 26 3.13 39.75 -33.05
C LEU D 26 4.31 40.14 -33.93
N TYR D 27 3.98 40.73 -35.09
CA TYR D 27 4.95 41.16 -36.08
C TYR D 27 5.08 42.70 -36.20
N ASP D 28 3.98 43.39 -35.95
CA ASP D 28 3.95 44.84 -36.06
C ASP D 28 4.87 45.50 -35.05
N ASP D 29 6.13 45.67 -35.47
CA ASP D 29 7.15 46.31 -34.64
C ASP D 29 7.26 45.63 -33.25
N ASN D 30 6.86 44.37 -33.16
CA ASN D 30 6.88 43.70 -31.88
C ASN D 30 7.62 42.35 -31.87
N HIS D 31 8.74 42.33 -31.17
CA HIS D 31 9.57 41.13 -31.11
C HIS D 31 10.45 41.09 -29.86
N VAL D 32 10.94 39.91 -29.52
CA VAL D 32 11.82 39.74 -28.38
C VAL D 32 13.18 39.38 -28.97
N SER D 33 14.25 39.82 -28.35
CA SER D 33 15.58 39.50 -28.85
C SER D 33 16.56 39.98 -27.80
N ALA D 34 17.61 39.20 -27.56
CA ALA D 34 18.61 39.55 -26.56
C ALA D 34 19.98 39.10 -27.05
N ILE D 35 21.00 39.82 -26.64
CA ILE D 35 22.34 39.52 -27.07
C ILE D 35 23.08 38.83 -25.94
N ASN D 36 23.70 37.72 -26.29
CA ASN D 36 24.50 36.96 -25.35
C ASN D 36 24.02 36.75 -23.92
N VAL D 37 22.94 35.97 -23.74
CA VAL D 37 22.40 35.67 -22.41
C VAL D 37 22.31 34.15 -22.28
N LYS D 38 22.19 33.67 -21.05
CA LYS D 38 22.10 32.23 -20.77
C LYS D 38 20.80 32.00 -19.97
N SER D 39 20.45 30.73 -19.75
CA SER D 39 19.22 30.41 -19.01
C SER D 39 19.39 30.80 -17.55
N ILE D 40 18.28 31.14 -16.92
CA ILE D 40 18.24 31.54 -15.52
C ILE D 40 17.68 30.36 -14.68
N ASP D 41 16.64 29.72 -15.21
CA ASP D 41 15.98 28.53 -14.67
C ASP D 41 14.86 28.12 -15.64
N GLN D 42 14.11 27.08 -15.30
CA GLN D 42 12.99 26.64 -16.15
C GLN D 42 11.71 26.51 -15.31
N PHE D 43 10.58 26.42 -15.98
CA PHE D 43 9.29 26.24 -15.32
C PHE D 43 9.09 24.75 -15.44
N LEU D 44 8.89 24.29 -16.67
CA LEU D 44 8.72 22.87 -16.93
C LEU D 44 9.94 22.44 -17.72
N TYR D 45 10.16 21.15 -17.86
CA TYR D 45 11.34 20.61 -18.55
C TYR D 45 11.62 20.90 -20.04
N PHE D 46 10.61 21.34 -20.75
CA PHE D 46 10.78 21.65 -22.16
C PHE D 46 10.83 23.14 -22.44
N ASP D 47 11.18 23.95 -21.44
CA ASP D 47 11.28 25.39 -21.66
C ASP D 47 12.48 25.97 -20.92
N LEU D 48 12.73 27.28 -21.10
CA LEU D 48 13.86 28.00 -20.48
C LEU D 48 13.43 29.42 -20.15
N ILE D 49 13.84 29.93 -18.99
CA ILE D 49 13.47 31.28 -18.63
C ILE D 49 14.67 32.18 -18.79
N TYR D 50 14.55 33.16 -19.68
CA TYR D 50 15.61 34.15 -19.99
C TYR D 50 15.46 35.55 -19.37
N SER D 51 16.63 36.16 -19.15
CA SER D 51 16.83 37.49 -18.56
C SER D 51 16.65 38.66 -19.54
N ILE D 52 15.73 38.54 -20.49
CA ILE D 52 15.58 39.64 -21.44
C ILE D 52 14.97 40.82 -20.73
N LYS D 53 15.70 41.91 -20.63
CA LYS D 53 15.19 43.11 -19.96
C LYS D 53 14.91 44.25 -20.95
N ASP D 54 14.62 43.91 -22.20
CA ASP D 54 14.38 44.94 -23.22
C ASP D 54 13.15 45.79 -22.97
N THR D 55 12.35 45.38 -22.00
CA THR D 55 11.15 46.11 -21.63
C THR D 55 10.03 46.21 -22.68
N TYR D 60 8.63 42.58 -21.80
CA TYR D 60 9.65 41.75 -21.17
C TYR D 60 9.72 41.94 -19.66
N ASP D 61 10.60 41.13 -19.10
CA ASP D 61 11.02 41.06 -17.70
C ASP D 61 11.77 39.74 -17.72
N ASN D 62 11.05 38.63 -17.64
CA ASN D 62 11.63 37.31 -17.72
C ASN D 62 10.81 36.75 -18.86
N VAL D 63 11.45 36.02 -19.74
CA VAL D 63 10.73 35.46 -20.88
C VAL D 63 10.80 33.95 -20.88
N ARG D 64 9.65 33.30 -20.92
CA ARG D 64 9.62 31.84 -20.93
C ARG D 64 9.83 31.45 -22.39
N VAL D 65 10.96 30.84 -22.70
CA VAL D 65 11.19 30.37 -24.06
C VAL D 65 10.80 28.89 -24.00
N GLU D 66 9.85 28.48 -24.81
CA GLU D 66 9.34 27.13 -24.75
C GLU D 66 9.70 26.31 -25.97
N PHE D 67 10.15 25.08 -25.74
CA PHE D 67 10.55 24.20 -26.82
C PHE D 67 9.60 22.99 -26.93
N LYS D 68 9.83 22.16 -27.97
CA LYS D 68 9.01 20.99 -28.28
C LYS D 68 9.32 19.74 -27.48
N ASN D 69 10.60 19.53 -27.21
CA ASN D 69 11.09 18.35 -26.52
C ASN D 69 11.91 18.82 -25.32
N LYS D 70 12.19 17.90 -24.42
CA LYS D 70 13.03 18.21 -23.27
C LYS D 70 14.42 18.48 -23.82
N ASP D 71 14.75 17.72 -24.85
CA ASP D 71 16.03 17.80 -25.53
C ASP D 71 16.46 19.23 -25.81
N LEU D 72 15.63 19.96 -26.53
CA LEU D 72 15.91 21.34 -26.89
C LEU D 72 16.22 22.26 -25.71
N ALA D 73 15.59 22.06 -24.57
CA ALA D 73 15.85 22.93 -23.42
C ALA D 73 17.14 22.58 -22.75
N ASP D 74 17.48 21.29 -22.79
CA ASP D 74 18.71 20.78 -22.17
C ASP D 74 19.90 21.29 -22.96
N LYS D 75 19.73 21.29 -24.27
CA LYS D 75 20.75 21.75 -25.19
C LYS D 75 21.18 23.22 -25.10
N TYR D 76 20.31 24.13 -24.65
CA TYR D 76 20.67 25.54 -24.54
C TYR D 76 20.63 26.03 -23.10
N LYS D 77 20.25 25.15 -22.19
CA LYS D 77 20.13 25.53 -20.81
C LYS D 77 21.37 26.26 -20.33
N ASP D 78 22.46 25.51 -20.24
CA ASP D 78 23.71 26.04 -19.72
C ASP D 78 24.51 26.94 -20.64
N LYS D 79 24.00 27.11 -21.86
CA LYS D 79 24.69 27.87 -22.91
C LYS D 79 24.24 29.32 -23.11
N TYR D 80 25.19 30.19 -23.48
CA TYR D 80 24.89 31.59 -23.74
C TYR D 80 24.30 31.53 -25.14
N VAL D 81 23.12 32.10 -25.31
CA VAL D 81 22.39 32.07 -26.57
C VAL D 81 21.90 33.45 -26.93
N ASP D 82 21.36 33.57 -28.14
CA ASP D 82 20.84 34.80 -28.63
C ASP D 82 19.41 34.45 -28.97
N VAL D 83 18.46 35.16 -28.39
CA VAL D 83 17.03 34.89 -28.60
C VAL D 83 16.36 35.85 -29.59
N PHE D 84 15.28 35.41 -30.22
CA PHE D 84 14.58 36.26 -31.17
C PHE D 84 13.24 35.62 -31.50
N GLY D 85 12.17 36.39 -31.48
CA GLY D 85 10.87 35.84 -31.81
C GLY D 85 9.69 36.71 -31.44
N ALA D 86 8.52 36.34 -31.98
CA ALA D 86 7.28 37.01 -31.75
C ALA D 86 6.72 36.47 -30.41
N ASN D 87 6.59 37.34 -29.41
CA ASN D 87 6.10 36.88 -28.10
C ASN D 87 4.61 37.19 -27.90
N TYR D 88 3.99 36.54 -26.92
CA TYR D 88 2.59 36.77 -26.60
C TYR D 88 2.52 37.08 -25.12
N TYR D 89 1.37 37.56 -24.66
CA TYR D 89 1.16 37.90 -23.25
C TYR D 89 -0.01 37.14 -22.61
N TYR D 90 -1.15 37.14 -23.30
CA TYR D 90 -2.33 36.46 -22.80
C TYR D 90 -2.06 34.98 -22.77
N GLN D 91 -2.47 34.35 -21.68
CA GLN D 91 -2.29 32.93 -21.44
C GLN D 91 -0.85 32.43 -21.48
N CYS D 92 -0.01 33.23 -20.82
CA CYS D 92 1.42 32.98 -20.66
C CYS D 92 1.64 32.74 -19.18
N TYR D 93 1.88 31.49 -18.80
CA TYR D 93 2.05 31.17 -17.39
C TYR D 93 3.37 30.51 -17.11
N PHE D 94 3.95 30.83 -15.95
CA PHE D 94 5.17 30.21 -15.50
C PHE D 94 5.48 30.70 -14.12
N SER D 95 6.32 29.97 -13.40
CA SER D 95 6.68 30.38 -12.07
C SER D 95 8.20 30.54 -12.08
N LYS D 96 8.64 31.71 -11.59
CA LYS D 96 10.05 32.05 -11.54
C LYS D 96 10.61 31.82 -10.14
N LYS D 97 11.76 31.14 -10.09
CA LYS D 97 12.41 30.85 -8.84
C LYS D 97 13.03 32.14 -8.22
N LYS D 110 4.86 39.81 -17.79
CA LYS D 110 5.41 38.49 -18.10
C LYS D 110 5.15 38.17 -19.55
N THR D 111 6.14 37.58 -20.22
CA THR D 111 5.97 37.21 -21.62
C THR D 111 6.55 35.84 -22.02
N CYS D 112 5.82 35.16 -22.90
CA CYS D 112 6.17 33.85 -23.37
C CYS D 112 6.40 33.79 -24.86
N MET D 113 7.29 32.93 -25.29
CA MET D 113 7.54 32.76 -26.72
C MET D 113 8.02 31.34 -26.95
N TYR D 114 7.55 30.69 -28.01
CA TYR D 114 8.01 29.35 -28.32
C TYR D 114 9.24 29.65 -29.17
N GLY D 115 10.09 30.48 -28.60
CA GLY D 115 11.24 31.01 -29.31
C GLY D 115 12.42 30.21 -29.77
N GLY D 116 13.05 30.80 -30.81
CA GLY D 116 14.24 30.26 -31.44
C GLY D 116 15.45 30.91 -30.83
N VAL D 117 16.28 30.06 -30.26
CA VAL D 117 17.48 30.49 -29.65
C VAL D 117 18.67 29.88 -30.42
N THR D 118 19.61 30.77 -30.76
CA THR D 118 20.81 30.46 -31.52
C THR D 118 22.03 30.73 -30.63
N GLU D 119 23.00 29.82 -30.62
CA GLU D 119 24.21 29.91 -29.80
C GLU D 119 25.18 31.00 -30.28
N HIS D 120 26.47 30.81 -30.01
CA HIS D 120 27.51 31.72 -30.51
C HIS D 120 28.60 31.01 -31.30
N ASP D 126 33.83 38.08 -38.72
CA ASP D 126 32.51 38.62 -38.38
C ASP D 126 32.06 39.63 -39.44
N LYS D 127 30.74 39.79 -39.57
CA LYS D 127 30.16 40.71 -40.56
C LYS D 127 28.63 40.69 -40.52
N TYR D 128 28.02 41.72 -41.10
CA TYR D 128 26.56 41.83 -41.18
C TYR D 128 26.22 40.99 -42.41
N ARG D 129 24.96 40.59 -42.55
CA ARG D 129 24.65 39.74 -43.68
C ARG D 129 23.23 39.84 -44.18
N SER D 130 23.08 39.95 -45.50
CA SER D 130 21.78 40.06 -46.18
C SER D 130 21.15 38.72 -46.64
N ILE D 131 19.82 38.75 -46.88
CA ILE D 131 19.04 37.60 -47.38
C ILE D 131 17.95 38.19 -48.28
N THR D 132 17.30 37.38 -49.13
CA THR D 132 16.29 37.94 -50.05
C THR D 132 14.98 37.14 -50.31
N VAL D 133 13.83 37.84 -50.44
CA VAL D 133 12.49 37.21 -50.60
C VAL D 133 11.72 37.51 -51.91
N ARG D 134 10.42 37.15 -52.02
CA ARG D 134 9.64 37.39 -53.25
C ARG D 134 8.09 37.20 -53.19
N VAL D 135 7.44 36.97 -54.35
CA VAL D 135 5.99 36.66 -54.59
C VAL D 135 4.78 37.53 -54.21
N PHE D 136 3.61 37.20 -54.79
CA PHE D 136 2.33 37.94 -54.61
C PHE D 136 1.19 37.29 -55.42
N GLU D 137 -0.02 37.84 -55.31
CA GLU D 137 -1.24 37.40 -55.99
C GLU D 137 -1.14 36.25 -56.99
N ASP D 138 -1.82 35.16 -56.65
CA ASP D 138 -1.81 33.99 -57.51
C ASP D 138 -0.38 33.53 -57.74
N GLY D 139 0.20 33.85 -58.90
CA GLY D 139 1.57 33.41 -59.14
C GLY D 139 2.45 34.49 -59.71
N LYS D 140 2.13 35.74 -59.39
CA LYS D 140 2.88 36.89 -59.94
C LYS D 140 4.02 37.47 -59.09
N ASN D 141 5.17 37.72 -59.72
CA ASN D 141 6.34 38.26 -59.04
C ASN D 141 6.21 39.78 -59.01
N LEU D 142 6.44 40.43 -57.88
CA LEU D 142 6.40 41.90 -57.87
C LEU D 142 7.01 42.62 -56.66
N LEU D 143 8.04 42.01 -56.07
CA LEU D 143 8.72 42.57 -54.89
C LEU D 143 10.11 41.97 -54.66
N SER D 144 10.99 42.75 -54.06
CA SER D 144 12.32 42.27 -53.69
C SER D 144 12.42 42.75 -52.24
N PHE D 145 13.38 42.27 -51.44
CA PHE D 145 13.35 42.71 -50.05
C PHE D 145 14.66 42.49 -49.32
N ASP D 146 14.94 43.30 -48.29
CA ASP D 146 16.17 43.11 -47.49
C ASP D 146 15.89 42.52 -46.10
N VAL D 147 16.81 41.65 -45.61
CA VAL D 147 16.72 41.01 -44.28
C VAL D 147 18.11 40.54 -43.83
N GLN D 148 18.72 41.27 -42.88
CA GLN D 148 20.09 40.96 -42.40
C GLN D 148 20.23 40.23 -41.07
N THR D 149 21.42 39.66 -40.78
CA THR D 149 21.68 38.91 -39.53
C THR D 149 23.10 38.99 -38.96
N ASN D 150 23.54 37.96 -38.22
CA ASN D 150 24.86 37.91 -37.63
C ASN D 150 25.47 36.50 -37.65
N LYS D 151 26.59 36.36 -36.93
CA LYS D 151 27.37 35.12 -36.82
C LYS D 151 26.77 34.05 -35.89
N LYS D 152 27.29 32.82 -36.01
CA LYS D 152 26.85 31.63 -35.27
C LYS D 152 25.92 30.75 -36.15
N LYS D 153 24.69 31.22 -36.39
CA LYS D 153 23.66 30.55 -37.24
C LYS D 153 22.30 31.25 -36.99
N VAL D 154 21.27 30.96 -37.80
CA VAL D 154 19.96 31.63 -37.64
C VAL D 154 18.71 30.71 -37.66
N THR D 155 17.51 31.26 -37.46
CA THR D 155 16.27 30.47 -37.42
C THR D 155 15.25 30.86 -38.45
N ALA D 156 14.18 30.05 -38.54
CA ALA D 156 13.10 30.31 -39.47
C ALA D 156 12.15 31.30 -38.81
N GLN D 157 12.34 31.53 -37.52
CA GLN D 157 11.51 32.48 -36.78
C GLN D 157 12.00 33.86 -37.00
N GLU D 158 13.26 34.10 -36.67
CA GLU D 158 13.84 35.42 -36.83
C GLU D 158 13.54 35.94 -38.24
N LEU D 159 13.76 35.07 -39.23
CA LEU D 159 13.54 35.43 -40.62
C LEU D 159 12.07 35.67 -40.86
N ASP D 160 11.23 34.76 -40.39
CA ASP D 160 9.78 34.87 -40.57
C ASP D 160 9.27 36.17 -39.99
N TYR D 161 9.95 36.66 -38.97
CA TYR D 161 9.54 37.90 -38.34
C TYR D 161 9.89 39.11 -39.17
N LEU D 162 11.20 39.28 -39.40
CA LEU D 162 11.73 40.39 -40.17
C LEU D 162 11.03 40.63 -41.51
N THR D 163 10.55 39.56 -42.15
CA THR D 163 9.87 39.69 -43.43
C THR D 163 8.45 40.21 -43.27
N ARG D 164 7.70 39.67 -42.32
CA ARG D 164 6.32 40.10 -42.08
C ARG D 164 6.28 41.51 -41.52
N HIS D 165 7.29 41.82 -40.70
CA HIS D 165 7.45 43.12 -40.07
C HIS D 165 7.32 44.23 -41.08
N TYR D 166 7.84 43.99 -42.27
CA TYR D 166 7.81 44.97 -43.34
C TYR D 166 6.66 44.81 -44.33
N LEU D 167 6.06 43.63 -44.39
CA LEU D 167 4.93 43.44 -45.29
C LEU D 167 3.66 44.09 -44.72
N VAL D 168 3.54 44.07 -43.41
CA VAL D 168 2.39 44.69 -42.78
C VAL D 168 2.55 46.19 -43.03
N LYS D 169 3.75 46.68 -42.75
CA LYS D 169 4.14 48.07 -42.89
C LYS D 169 4.16 48.59 -44.31
N ASN D 170 4.72 47.81 -45.21
CA ASN D 170 4.82 48.22 -46.58
C ASN D 170 3.74 47.66 -47.49
N LYS D 171 2.98 46.69 -47.01
CA LYS D 171 1.93 46.14 -47.84
C LYS D 171 0.65 45.85 -47.12
N LYS D 172 0.57 46.27 -45.87
CA LYS D 172 -0.64 46.06 -45.08
C LYS D 172 -1.13 44.62 -45.10
N LEU D 173 -0.20 43.70 -44.81
CA LEU D 173 -0.49 42.26 -44.73
C LEU D 173 -1.62 42.02 -43.72
N TYR D 174 -1.59 42.79 -42.62
CA TYR D 174 -2.59 42.71 -41.55
C TYR D 174 -2.98 44.13 -41.19
N GLU D 182 -6.13 37.10 -48.81
CA GLU D 182 -7.04 36.02 -48.42
C GLU D 182 -6.19 34.92 -47.88
N THR D 183 -5.01 34.72 -48.48
CA THR D 183 -4.08 33.70 -48.01
C THR D 183 -2.63 34.18 -48.21
N GLY D 184 -1.75 33.81 -47.28
CA GLY D 184 -0.34 34.14 -47.38
C GLY D 184 0.47 33.02 -46.77
N TYR D 185 1.70 32.79 -47.24
CA TYR D 185 2.55 31.74 -46.64
C TYR D 185 4.01 31.83 -47.05
N ILE D 186 4.88 31.72 -46.04
CA ILE D 186 6.29 31.85 -46.23
C ILE D 186 6.92 30.50 -46.46
N LYS D 187 7.60 30.38 -47.61
CA LYS D 187 8.29 29.16 -48.03
C LYS D 187 9.77 29.31 -47.78
N PHE D 188 10.35 28.37 -47.05
CA PHE D 188 11.75 28.41 -46.72
C PHE D 188 12.54 27.45 -47.59
N ILE D 189 13.48 28.02 -48.32
CA ILE D 189 14.32 27.28 -49.25
C ILE D 189 15.72 27.17 -48.75
N GLU D 190 16.12 25.93 -48.50
CA GLU D 190 17.47 25.59 -48.06
C GLU D 190 18.01 24.83 -49.26
N ASN D 191 19.08 24.06 -49.06
CA ASN D 191 19.71 23.31 -50.17
C ASN D 191 18.66 22.55 -50.98
N GLU D 192 18.29 21.35 -50.53
CA GLU D 192 17.27 20.56 -51.22
C GLU D 192 16.03 20.56 -50.34
N ASN D 193 16.02 21.46 -49.37
CA ASN D 193 14.97 21.55 -48.37
C ASN D 193 14.03 22.71 -48.49
N SER D 194 12.74 22.45 -48.27
CA SER D 194 11.72 23.49 -48.35
C SER D 194 10.49 23.25 -47.46
N PHE D 195 10.32 24.09 -46.44
CA PHE D 195 9.20 24.00 -45.51
C PHE D 195 8.46 25.33 -45.53
N TRP D 196 7.16 25.33 -45.25
CA TRP D 196 6.35 26.56 -45.27
C TRP D 196 5.48 26.73 -44.02
N TYR D 197 5.35 27.98 -43.57
CA TYR D 197 4.57 28.32 -42.37
C TYR D 197 3.47 29.29 -42.75
N ASP D 198 2.24 28.82 -42.61
CA ASP D 198 1.02 29.57 -42.89
C ASP D 198 1.18 30.99 -42.34
N MET D 199 0.41 31.93 -42.87
CA MET D 199 0.52 33.30 -42.37
C MET D 199 -0.85 33.79 -41.86
N MET D 200 -1.93 33.05 -42.09
CA MET D 200 -3.28 33.48 -41.65
C MET D 200 -3.93 32.68 -40.50
N PRO D 201 -4.68 33.37 -39.61
CA PRO D 201 -5.36 32.72 -38.50
C PRO D 201 -6.32 31.56 -38.84
N ALA D 202 -6.83 30.88 -37.84
CA ALA D 202 -7.73 29.75 -38.00
C ALA D 202 -9.09 30.24 -38.42
N PRO D 203 -10.02 29.30 -38.64
CA PRO D 203 -11.40 29.56 -39.05
C PRO D 203 -12.39 30.00 -37.95
N GLY D 204 -11.93 30.73 -36.94
CA GLY D 204 -12.86 31.17 -35.92
C GLY D 204 -12.94 32.65 -35.59
N ASP D 205 -13.38 32.90 -34.37
CA ASP D 205 -13.54 34.24 -33.82
C ASP D 205 -12.29 34.61 -33.07
N LYS D 206 -11.87 33.71 -32.19
CA LYS D 206 -10.70 33.97 -31.40
C LYS D 206 -9.47 33.44 -32.09
N PHE D 207 -8.44 34.27 -32.04
CA PHE D 207 -7.14 33.93 -32.57
C PHE D 207 -6.35 33.62 -31.30
N ASP D 208 -6.01 32.34 -31.11
CA ASP D 208 -5.25 31.95 -29.94
C ASP D 208 -3.79 32.15 -30.19
N GLN D 209 -3.30 33.32 -29.79
CA GLN D 209 -1.89 33.66 -29.98
C GLN D 209 -0.94 32.54 -29.57
N SER D 210 -1.13 31.94 -28.40
CA SER D 210 -0.20 30.89 -27.97
C SER D 210 -0.19 29.71 -28.93
N LYS D 211 -1.33 29.38 -29.50
CA LYS D 211 -1.37 28.27 -30.43
C LYS D 211 -0.49 28.58 -31.61
N TYR D 212 -0.78 29.71 -32.25
CA TYR D 212 -0.06 30.13 -33.43
C TYR D 212 1.43 30.05 -33.23
N LEU D 213 1.94 30.79 -32.27
CA LEU D 213 3.36 30.84 -32.07
C LEU D 213 4.00 29.55 -31.67
N MET D 214 3.21 28.52 -31.46
CA MET D 214 3.78 27.25 -31.06
C MET D 214 4.57 26.58 -32.17
N MET D 215 4.26 26.96 -33.40
CA MET D 215 4.91 26.40 -34.57
C MET D 215 6.41 26.60 -34.61
N TYR D 216 6.91 27.52 -33.82
CA TYR D 216 8.32 27.77 -33.79
C TYR D 216 8.99 26.99 -32.68
N ASN D 217 8.22 26.24 -31.90
CA ASN D 217 8.81 25.48 -30.80
C ASN D 217 9.92 24.50 -31.17
N ASP D 218 9.99 24.08 -32.44
CA ASP D 218 11.09 23.21 -32.91
C ASP D 218 12.08 24.25 -33.37
N ASN D 219 13.08 24.46 -32.55
CA ASN D 219 14.07 25.47 -32.81
C ASN D 219 14.68 25.15 -34.16
N LYS D 220 14.06 25.68 -35.21
CA LYS D 220 14.47 25.46 -36.60
C LYS D 220 15.53 26.42 -37.05
N MET D 221 16.75 25.93 -37.24
CA MET D 221 17.81 26.80 -37.67
C MET D 221 18.02 26.61 -39.15
N VAL D 222 18.32 27.72 -39.81
CA VAL D 222 18.55 27.76 -41.24
C VAL D 222 19.82 28.60 -41.46
N ASP D 223 20.59 28.35 -42.53
CA ASP D 223 21.85 29.07 -42.84
C ASP D 223 21.64 30.40 -43.56
N SER D 224 21.95 31.50 -42.90
CA SER D 224 21.75 32.81 -43.51
C SER D 224 22.39 32.95 -44.89
N LYS D 225 23.53 32.30 -45.06
CA LYS D 225 24.30 32.38 -46.33
C LYS D 225 23.74 31.77 -47.59
N ASP D 226 23.00 30.68 -47.46
CA ASP D 226 22.50 29.99 -48.63
C ASP D 226 21.01 29.84 -48.65
N VAL D 227 20.36 30.54 -47.74
CA VAL D 227 18.92 30.48 -47.65
C VAL D 227 18.19 31.34 -48.62
N LYS D 228 17.08 30.82 -49.11
CA LYS D 228 16.27 31.52 -50.05
C LYS D 228 14.93 31.45 -49.36
N ILE D 229 14.42 32.63 -49.01
CA ILE D 229 13.10 32.73 -48.41
C ILE D 229 12.14 33.19 -49.53
N GLU D 230 10.83 33.08 -49.32
CA GLU D 230 9.86 33.49 -50.32
C GLU D 230 8.51 33.68 -49.63
N VAL D 231 7.83 34.79 -49.91
CA VAL D 231 6.55 35.13 -49.27
C VAL D 231 5.35 35.02 -50.19
N TYR D 232 4.70 33.88 -50.23
CA TYR D 232 3.59 33.68 -51.15
C TYR D 232 2.23 34.19 -50.71
N LEU D 233 1.87 35.40 -51.13
CA LEU D 233 0.58 36.06 -50.81
C LEU D 233 -0.46 35.91 -51.94
N THR D 234 -1.74 35.86 -51.59
CA THR D 234 -2.79 35.76 -52.61
C THR D 234 -3.70 36.99 -52.61
N ILE E 1 23.83 7.58 4.30
CA ILE E 1 23.80 6.36 5.10
C ILE E 1 22.86 5.28 4.56
N LYS E 2 23.42 4.09 4.35
CA LYS E 2 22.65 2.94 3.89
C LYS E 2 22.59 2.08 5.17
N GLU E 3 21.43 1.53 5.46
CA GLU E 3 21.22 0.74 6.68
C GLU E 3 21.60 -0.73 6.61
N GLU E 4 21.82 -1.36 7.75
CA GLU E 4 22.19 -2.78 7.75
C GLU E 4 21.13 -3.73 8.36
N HIS E 5 20.48 -3.31 9.44
CA HIS E 5 19.47 -4.14 10.09
C HIS E 5 18.52 -3.23 10.84
N VAL E 6 17.40 -3.73 11.29
CA VAL E 6 16.47 -2.91 12.04
C VAL E 6 15.82 -3.89 12.95
N ILE E 7 15.70 -3.53 14.23
CA ILE E 7 15.02 -4.39 15.20
C ILE E 7 13.85 -3.51 15.61
N ILE E 8 12.64 -4.04 15.55
CA ILE E 8 11.49 -3.25 15.91
C ILE E 8 10.71 -3.99 16.97
N GLN E 9 10.43 -3.31 18.08
CA GLN E 9 9.59 -3.86 19.11
C GLN E 9 8.25 -3.27 18.72
N ALA E 10 7.33 -4.09 18.26
CA ALA E 10 6.06 -3.57 17.88
C ALA E 10 4.99 -4.11 18.81
N GLU E 11 4.02 -3.28 19.12
CA GLU E 11 2.91 -3.69 19.98
C GLU E 11 1.65 -2.93 19.58
N PHE E 12 0.47 -3.54 19.75
CA PHE E 12 -0.77 -2.84 19.37
C PHE E 12 -1.88 -3.23 20.29
N TYR E 13 -2.94 -2.43 20.27
CA TYR E 13 -4.12 -2.70 21.08
C TYR E 13 -5.27 -2.26 20.23
N LEU E 14 -6.30 -3.09 20.17
CA LEU E 14 -7.44 -2.79 19.30
C LEU E 14 -8.80 -2.88 20.02
N ASN E 15 -9.62 -1.83 19.89
CA ASN E 15 -10.98 -1.80 20.47
C ASN E 15 -11.84 -1.82 19.22
N PRO E 16 -13.02 -2.45 19.29
CA PRO E 16 -13.69 -3.28 20.28
C PRO E 16 -13.11 -4.65 20.58
N ASP E 17 -12.34 -5.22 19.66
CA ASP E 17 -11.82 -6.55 19.88
C ASP E 17 -11.12 -6.79 21.19
N GLN E 18 -10.44 -5.78 21.67
CA GLN E 18 -9.69 -5.94 22.90
C GLN E 18 -8.65 -7.04 22.75
N SER E 19 -7.89 -6.88 21.65
CA SER E 19 -6.76 -7.71 21.24
C SER E 19 -5.53 -6.87 21.51
N GLY E 20 -4.39 -7.49 21.76
CA GLY E 20 -3.19 -6.73 22.00
C GLY E 20 -2.07 -7.58 21.46
N GLU E 21 -0.91 -7.01 21.21
CA GLU E 21 0.19 -7.80 20.72
C GLU E 21 1.47 -7.12 21.05
N PHE E 22 2.46 -7.92 21.44
CA PHE E 22 3.78 -7.43 21.78
C PHE E 22 4.68 -8.37 21.05
N MET E 23 5.69 -7.84 20.37
CA MET E 23 6.49 -8.72 19.51
C MET E 23 7.77 -8.04 19.10
N PHE E 24 8.83 -8.81 18.76
CA PHE E 24 10.08 -8.19 18.25
C PHE E 24 10.28 -8.63 16.83
N ASP E 25 10.87 -7.76 16.03
CA ASP E 25 11.08 -7.99 14.63
C ASP E 25 12.51 -7.62 14.24
N PHE E 26 13.17 -8.51 13.50
CA PHE E 26 14.51 -8.28 12.99
C PHE E 26 14.48 -8.47 11.48
N ASP E 27 14.57 -7.37 10.76
CA ASP E 27 14.58 -7.46 9.34
C ASP E 27 13.39 -8.14 8.70
N GLY E 28 12.21 -7.97 9.28
CA GLY E 28 11.03 -8.57 8.67
C GLY E 28 10.58 -9.89 9.27
N ASP E 29 11.44 -10.49 10.08
CA ASP E 29 11.14 -11.76 10.70
C ASP E 29 10.92 -11.55 12.19
N GLU E 30 9.91 -12.20 12.79
CA GLU E 30 9.69 -12.06 14.21
C GLU E 30 10.61 -12.95 14.99
N ILE E 31 11.18 -12.36 16.04
CA ILE E 31 12.10 -13.05 16.94
C ILE E 31 11.23 -13.81 17.89
N PHE E 32 10.28 -13.11 18.50
CA PHE E 32 9.35 -13.69 19.45
C PHE E 32 8.16 -12.76 19.65
N HIS E 33 7.17 -13.24 20.39
CA HIS E 33 6.02 -12.44 20.73
C HIS E 33 5.59 -12.97 22.08
N VAL E 34 4.83 -12.21 22.83
CA VAL E 34 4.40 -12.69 24.13
C VAL E 34 2.94 -13.12 24.06
N ASP E 35 2.69 -14.40 24.36
CA ASP E 35 1.36 -14.98 24.41
C ASP E 35 0.73 -14.28 25.59
N MET E 36 -0.23 -13.41 25.33
CA MET E 36 -0.92 -12.60 26.35
C MET E 36 -1.73 -13.37 27.35
N ALA E 37 -2.22 -14.54 26.93
CA ALA E 37 -3.02 -15.41 27.80
C ALA E 37 -2.11 -16.28 28.62
N LYS E 38 -1.27 -17.06 27.97
CA LYS E 38 -0.35 -17.89 28.70
C LYS E 38 0.75 -17.06 29.31
N LYS E 39 0.69 -15.74 29.21
CA LYS E 39 1.73 -14.87 29.76
C LYS E 39 3.15 -15.42 29.55
N GLU E 40 3.38 -16.02 28.40
CA GLU E 40 4.65 -16.70 28.09
C GLU E 40 5.34 -16.26 26.78
N THR E 41 6.64 -16.05 26.81
CA THR E 41 7.36 -15.66 25.62
C THR E 41 7.42 -16.80 24.64
N VAL E 42 7.04 -16.61 23.38
CA VAL E 42 7.18 -17.69 22.42
C VAL E 42 8.13 -17.25 21.30
N TRP E 43 9.25 -17.96 21.14
CA TRP E 43 10.26 -17.66 20.11
C TRP E 43 9.88 -18.23 18.74
N ARG E 44 10.07 -17.47 17.68
CA ARG E 44 9.73 -17.95 16.33
C ARG E 44 10.47 -19.26 16.09
N LEU E 45 11.75 -19.33 16.43
CA LEU E 45 12.53 -20.57 16.28
C LEU E 45 13.04 -20.95 17.69
N GLU E 46 12.77 -22.18 18.13
CA GLU E 46 13.16 -22.60 19.48
C GLU E 46 14.59 -22.32 19.78
N GLU E 47 15.43 -22.55 18.81
CA GLU E 47 16.88 -22.36 18.98
C GLU E 47 17.14 -21.02 19.66
N PHE E 48 16.33 -20.03 19.31
CA PHE E 48 16.48 -18.70 19.85
C PHE E 48 16.46 -18.71 21.35
N GLY E 49 15.55 -19.49 21.91
CA GLY E 49 15.41 -19.62 23.36
C GLY E 49 16.65 -20.17 24.09
N ARG E 50 17.62 -20.69 23.34
CA ARG E 50 18.86 -21.17 23.93
C ARG E 50 19.86 -20.03 24.04
N PHE E 51 19.59 -18.92 23.35
CA PHE E 51 20.52 -17.81 23.37
C PHE E 51 19.99 -16.57 24.08
N ALA E 52 18.72 -16.53 24.40
CA ALA E 52 18.26 -15.31 24.99
C ALA E 52 17.01 -15.52 25.75
N SER E 53 16.65 -14.54 26.59
CA SER E 53 15.43 -14.64 27.37
C SER E 53 14.69 -13.32 27.33
N PHE E 54 13.42 -13.34 27.71
CA PHE E 54 12.59 -12.16 27.77
C PHE E 54 11.60 -12.28 28.94
N GLU E 55 11.36 -11.23 29.72
CA GLU E 55 10.39 -11.35 30.81
C GLU E 55 9.01 -11.07 30.26
N ALA E 56 8.31 -12.13 29.94
CA ALA E 56 7.01 -12.04 29.33
C ALA E 56 5.96 -11.23 30.02
N GLN E 57 6.05 -10.99 31.32
CA GLN E 57 4.97 -10.24 31.96
C GLN E 57 5.08 -8.76 31.78
N GLY E 58 6.26 -8.29 31.41
CA GLY E 58 6.39 -6.86 31.15
C GLY E 58 5.53 -6.42 29.97
N ALA E 59 5.48 -7.27 28.92
CA ALA E 59 4.72 -7.01 27.72
C ALA E 59 3.31 -6.65 28.11
N LEU E 60 2.82 -7.27 29.19
CA LEU E 60 1.47 -6.95 29.65
C LEU E 60 1.38 -5.57 30.28
N ALA E 61 2.47 -5.12 30.89
CA ALA E 61 2.46 -3.80 31.51
C ALA E 61 2.23 -2.80 30.37
N ASN E 62 2.99 -3.03 29.29
CA ASN E 62 2.92 -2.22 28.10
C ASN E 62 1.53 -2.21 27.48
N ILE E 63 0.97 -3.38 27.20
CA ILE E 63 -0.36 -3.40 26.59
C ILE E 63 -1.38 -2.65 27.44
N ALA E 64 -1.14 -2.58 28.75
CA ALA E 64 -2.07 -1.87 29.62
C ALA E 64 -1.97 -0.40 29.29
N VAL E 65 -0.75 0.09 29.10
CA VAL E 65 -0.57 1.50 28.76
C VAL E 65 -1.19 1.83 27.42
N ASP E 66 -0.86 1.01 26.41
CA ASP E 66 -1.37 1.14 25.03
C ASP E 66 -2.89 1.23 25.02
N LYS E 67 -3.55 0.42 25.84
CA LYS E 67 -5.00 0.49 25.86
C LYS E 67 -5.47 1.80 26.45
N ALA E 68 -4.78 2.26 27.49
CA ALA E 68 -5.13 3.52 28.11
C ALA E 68 -5.03 4.61 27.07
N ASN E 69 -3.93 4.62 26.33
CA ASN E 69 -3.73 5.61 25.30
C ASN E 69 -4.68 5.47 24.15
N LEU E 70 -5.18 4.28 23.91
CA LEU E 70 -6.11 4.15 22.81
C LEU E 70 -7.34 4.92 23.29
N GLU E 71 -7.82 4.61 24.47
CA GLU E 71 -8.99 5.30 24.98
C GLU E 71 -8.86 6.81 24.83
N ILE E 72 -7.69 7.36 25.14
CA ILE E 72 -7.47 8.81 25.05
C ILE E 72 -7.39 9.34 23.61
N MET E 73 -6.77 8.59 22.71
CA MET E 73 -6.66 8.99 21.32
C MET E 73 -7.99 8.90 20.63
N THR E 74 -8.71 7.82 20.90
CA THR E 74 -10.04 7.60 20.32
C THR E 74 -10.94 8.81 20.62
N LYS E 75 -10.92 9.23 21.88
CA LYS E 75 -11.70 10.36 22.34
C LYS E 75 -11.19 11.66 21.71
N ARG E 76 -9.88 11.89 21.64
CA ARG E 76 -9.45 13.15 21.04
C ARG E 76 -9.58 13.22 19.55
N SER E 77 -9.74 12.08 18.91
CA SER E 77 -9.91 12.04 17.46
C SER E 77 -11.42 12.13 17.22
N ASN E 78 -12.17 12.38 18.29
CA ASN E 78 -13.62 12.46 18.22
C ASN E 78 -14.13 11.19 17.57
N TYR E 79 -13.60 10.06 18.02
CA TYR E 79 -13.96 8.72 17.55
C TYR E 79 -13.81 8.44 16.05
N THR E 80 -12.72 8.93 15.46
CA THR E 80 -12.42 8.66 14.07
C THR E 80 -12.02 7.18 14.00
N PRO E 81 -12.80 6.35 13.30
CA PRO E 81 -12.54 4.93 13.15
C PRO E 81 -11.49 4.59 12.08
N ILE E 82 -10.93 3.39 12.16
CA ILE E 82 -9.90 2.96 11.20
C ILE E 82 -10.58 2.56 9.91
N THR E 83 -9.94 2.86 8.78
CA THR E 83 -10.48 2.54 7.45
C THR E 83 -9.99 1.16 7.04
N ASN E 84 -10.88 0.19 6.95
CA ASN E 84 -10.43 -1.18 6.62
C ASN E 84 -9.62 -1.13 5.34
N VAL E 85 -8.70 -1.89 5.37
CA VAL E 85 -7.86 -1.94 4.16
C VAL E 85 -7.69 -3.41 3.97
N PRO E 86 -8.30 -4.02 2.94
CA PRO E 86 -8.25 -5.45 2.63
C PRO E 86 -6.86 -5.92 2.28
N PRO E 87 -6.57 -7.22 2.55
CA PRO E 87 -5.31 -7.90 2.31
C PRO E 87 -5.06 -8.53 0.97
N GLU E 88 -3.81 -8.47 0.52
CA GLU E 88 -3.41 -9.14 -0.71
C GLU E 88 -3.04 -10.54 -0.17
N VAL E 89 -3.59 -11.60 -0.78
CA VAL E 89 -3.36 -12.97 -0.39
C VAL E 89 -2.61 -13.63 -1.55
N THR E 90 -1.63 -14.48 -1.26
CA THR E 90 -0.83 -15.17 -2.26
C THR E 90 -0.55 -16.51 -1.63
N VAL E 91 -0.65 -17.61 -2.38
CA VAL E 91 -0.30 -18.94 -1.86
C VAL E 91 0.90 -19.45 -2.65
N LEU E 92 1.96 -19.89 -1.99
CA LEU E 92 3.09 -20.44 -2.72
C LEU E 92 3.66 -21.53 -1.87
N THR E 93 4.49 -22.38 -2.45
CA THR E 93 5.05 -23.44 -1.68
C THR E 93 6.42 -23.01 -1.18
N ASN E 94 6.98 -23.85 -0.35
CA ASN E 94 8.27 -23.70 0.28
C ASN E 94 9.45 -23.94 -0.68
N SER E 95 9.27 -24.88 -1.58
CA SER E 95 10.31 -25.22 -2.54
C SER E 95 9.64 -25.87 -3.72
N PRO E 96 10.37 -26.11 -4.79
CA PRO E 96 9.69 -26.74 -5.92
C PRO E 96 9.03 -28.05 -5.57
N VAL E 97 7.80 -28.28 -6.02
CA VAL E 97 7.13 -29.53 -5.70
C VAL E 97 7.49 -30.69 -6.57
N GLU E 98 7.71 -31.82 -5.90
CA GLU E 98 8.01 -33.08 -6.53
C GLU E 98 6.94 -34.02 -5.98
N LEU E 99 6.29 -34.79 -6.86
CA LEU E 99 5.22 -35.63 -6.44
C LEU E 99 5.69 -36.58 -5.39
N ARG E 100 4.82 -36.69 -4.40
CA ARG E 100 4.98 -37.58 -3.30
C ARG E 100 6.25 -37.35 -2.44
N GLU E 101 6.65 -36.08 -2.38
CA GLU E 101 7.78 -35.59 -1.61
C GLU E 101 7.21 -34.48 -0.70
N PRO E 102 7.43 -34.55 0.59
CA PRO E 102 6.87 -33.50 1.43
C PRO E 102 7.25 -32.11 1.02
N ASN E 103 6.30 -31.20 1.25
CA ASN E 103 6.49 -29.77 0.98
C ASN E 103 5.60 -29.00 1.97
N VAL E 104 5.63 -27.68 1.86
CA VAL E 104 4.82 -26.80 2.68
C VAL E 104 4.24 -25.72 1.78
N LEU E 105 2.95 -25.40 2.03
CA LEU E 105 2.21 -24.32 1.34
C LEU E 105 2.12 -23.14 2.30
N ILE E 106 2.44 -21.97 1.77
CA ILE E 106 2.46 -20.75 2.51
C ILE E 106 1.39 -19.85 1.99
N CYS E 107 0.57 -19.32 2.86
CA CYS E 107 -0.47 -18.36 2.48
C CYS E 107 0.03 -17.08 3.11
N PHE E 108 0.50 -16.17 2.29
CA PHE E 108 1.01 -14.90 2.72
C PHE E 108 -0.10 -13.87 2.63
N ILE E 109 -0.54 -13.31 3.76
CA ILE E 109 -1.60 -12.30 3.77
C ILE E 109 -0.87 -11.00 4.04
N ASP E 110 -1.02 -9.98 3.17
CA ASP E 110 -0.26 -8.73 3.26
C ASP E 110 -1.10 -7.45 3.10
N LYS E 111 -0.48 -6.32 3.41
CA LYS E 111 -1.07 -4.99 3.36
C LYS E 111 -2.50 -4.82 3.86
N PHE E 112 -2.79 -5.22 5.11
CA PHE E 112 -4.12 -5.09 5.69
C PHE E 112 -4.14 -4.42 7.01
N THR E 113 -5.30 -4.01 7.47
CA THR E 113 -5.51 -3.37 8.80
C THR E 113 -7.04 -3.25 8.86
N PRO E 114 -7.61 -3.39 10.04
CA PRO E 114 -7.07 -3.65 11.38
C PRO E 114 -6.49 -5.07 11.41
N PRO E 115 -5.73 -5.37 12.45
CA PRO E 115 -5.15 -6.69 12.61
C PRO E 115 -6.07 -7.77 13.20
N VAL E 116 -7.03 -8.21 12.37
CA VAL E 116 -8.00 -9.25 12.72
C VAL E 116 -8.27 -9.87 11.33
N VAL E 117 -8.13 -11.17 11.20
CA VAL E 117 -8.33 -11.84 9.89
C VAL E 117 -8.60 -13.30 10.26
N ASN E 118 -9.40 -14.04 9.47
CA ASN E 118 -9.63 -15.47 9.74
C ASN E 118 -8.97 -16.09 8.52
N VAL E 119 -8.33 -17.24 8.69
CA VAL E 119 -7.68 -17.95 7.58
C VAL E 119 -7.98 -19.43 7.70
N THR E 120 -8.18 -20.11 6.60
CA THR E 120 -8.45 -21.52 6.67
C THR E 120 -7.79 -22.18 5.50
N TRP E 121 -7.19 -23.36 5.68
CA TRP E 121 -6.60 -24.07 4.56
C TRP E 121 -7.67 -25.07 4.17
N LEU E 122 -8.09 -25.08 2.93
CA LEU E 122 -9.07 -26.06 2.54
C LEU E 122 -8.40 -27.04 1.59
N ARG E 123 -8.49 -28.34 1.86
CA ARG E 123 -7.96 -29.36 0.94
C ARG E 123 -9.20 -29.99 0.33
N ASN E 124 -9.31 -29.89 -0.99
CA ASN E 124 -10.48 -30.41 -1.69
C ASN E 124 -11.76 -29.93 -1.01
N GLY E 125 -11.77 -28.67 -0.57
CA GLY E 125 -12.94 -28.13 0.06
C GLY E 125 -13.04 -28.34 1.55
N LYS E 126 -12.27 -29.28 2.10
CA LYS E 126 -12.40 -29.48 3.53
C LYS E 126 -11.32 -28.79 4.26
N PRO E 127 -11.64 -28.19 5.41
CA PRO E 127 -10.66 -27.48 6.24
C PRO E 127 -9.59 -28.45 6.71
N VAL E 128 -8.34 -28.02 6.75
CA VAL E 128 -7.29 -28.89 7.21
C VAL E 128 -6.72 -28.22 8.43
N THR E 129 -6.46 -28.96 9.50
CA THR E 129 -5.91 -28.34 10.71
C THR E 129 -4.66 -29.05 11.15
N THR E 130 -4.35 -30.14 10.48
CA THR E 130 -3.18 -30.92 10.82
C THR E 130 -1.90 -30.31 10.32
N GLY E 131 -1.05 -29.91 11.24
CA GLY E 131 0.23 -29.36 10.85
C GLY E 131 0.17 -27.88 10.60
N VAL E 132 -1.03 -27.33 10.54
CA VAL E 132 -1.09 -25.92 10.28
C VAL E 132 -0.42 -25.08 11.37
N SER E 133 0.51 -24.26 10.90
CA SER E 133 1.32 -23.34 11.65
C SER E 133 0.91 -21.92 11.11
N GLU E 134 1.17 -20.83 11.83
CA GLU E 134 0.83 -19.51 11.35
C GLU E 134 1.66 -18.58 12.16
N THR E 135 1.83 -17.33 11.72
CA THR E 135 2.59 -16.32 12.50
C THR E 135 1.60 -15.28 13.06
N VAL E 136 2.15 -14.33 13.79
CA VAL E 136 1.36 -13.31 14.40
C VAL E 136 1.47 -12.16 13.41
N PHE E 137 0.66 -11.11 13.54
CA PHE E 137 0.68 -9.99 12.60
C PHE E 137 2.00 -9.28 12.72
N LEU E 138 2.72 -9.18 11.62
CA LEU E 138 4.02 -8.51 11.62
C LEU E 138 3.75 -7.12 11.16
N PRO E 139 4.52 -6.11 11.66
CA PRO E 139 4.37 -4.69 11.33
C PRO E 139 4.88 -4.29 9.96
N ARG E 140 4.35 -3.18 9.41
CA ARG E 140 4.82 -2.70 8.12
C ARG E 140 5.15 -1.19 8.19
N GLU E 141 6.11 -0.69 7.40
CA GLU E 141 6.47 0.75 7.44
C GLU E 141 5.22 1.58 7.23
N ASP E 142 4.29 1.08 6.43
CA ASP E 142 3.06 1.78 6.12
C ASP E 142 2.00 1.68 7.18
N HIS E 143 2.38 1.04 8.28
CA HIS E 143 1.54 0.87 9.43
C HIS E 143 0.40 -0.07 9.31
N LEU E 144 0.53 -0.91 8.29
CA LEU E 144 -0.47 -1.94 8.07
C LEU E 144 0.25 -3.16 8.60
N PHE E 145 -0.36 -4.34 8.44
CA PHE E 145 0.21 -5.57 8.96
C PHE E 145 0.51 -6.59 7.93
N ARG E 146 1.17 -7.66 8.32
CA ARG E 146 1.54 -8.73 7.40
C ARG E 146 1.34 -10.02 8.17
N LYS E 147 1.14 -11.17 7.51
CA LYS E 147 0.88 -12.43 8.23
C LYS E 147 1.10 -13.56 7.27
N PHE E 148 1.45 -14.74 7.81
CA PHE E 148 1.71 -15.99 7.04
C PHE E 148 1.05 -17.20 7.75
N HIS E 149 0.72 -18.22 6.99
CA HIS E 149 0.09 -19.41 7.55
C HIS E 149 0.74 -20.53 6.75
N TYR E 150 0.95 -21.71 7.33
CA TYR E 150 1.63 -22.76 6.58
C TYR E 150 0.89 -24.05 6.70
N LEU E 151 0.97 -24.89 5.67
CA LEU E 151 0.30 -26.18 5.71
C LEU E 151 1.22 -27.15 5.07
N PRO E 152 1.89 -27.98 5.88
CA PRO E 152 2.83 -28.99 5.40
C PRO E 152 2.00 -29.94 4.59
N PHE E 153 2.40 -30.29 3.37
CA PHE E 153 1.57 -31.21 2.60
C PHE E 153 2.43 -32.19 1.80
N LEU E 154 1.79 -33.21 1.25
CA LEU E 154 2.48 -34.19 0.45
C LEU E 154 1.97 -34.02 -0.96
N PRO E 155 2.81 -33.55 -1.89
CA PRO E 155 2.34 -33.36 -3.26
C PRO E 155 1.80 -34.60 -4.01
N SER E 156 0.63 -34.47 -4.65
CA SER E 156 -0.02 -35.55 -5.44
C SER E 156 -0.81 -34.86 -6.59
N THR E 157 -1.26 -35.58 -7.62
CA THR E 157 -2.05 -34.91 -8.67
C THR E 157 -3.52 -34.97 -8.28
N GLU E 158 -3.77 -35.58 -7.15
CA GLU E 158 -5.10 -35.79 -6.64
C GLU E 158 -5.77 -34.67 -5.83
N ASP E 159 -5.04 -33.90 -5.04
CA ASP E 159 -5.66 -32.83 -4.25
C ASP E 159 -5.50 -31.43 -4.74
N VAL E 160 -6.42 -30.54 -4.34
CA VAL E 160 -6.35 -29.13 -4.72
C VAL E 160 -6.48 -28.43 -3.41
N TYR E 161 -5.91 -27.24 -3.26
CA TYR E 161 -5.98 -26.52 -1.98
C TYR E 161 -6.36 -25.11 -2.22
N ASP E 162 -6.80 -24.51 -1.12
CA ASP E 162 -7.18 -23.10 -1.07
C ASP E 162 -6.81 -22.56 0.29
N CYS E 163 -6.62 -21.25 0.31
CA CYS E 163 -6.36 -20.51 1.52
C CYS E 163 -7.55 -19.54 1.53
N ARG E 164 -8.44 -19.67 2.50
CA ARG E 164 -9.57 -18.79 2.56
C ARG E 164 -9.38 -17.76 3.64
N VAL E 165 -9.26 -16.51 3.24
CA VAL E 165 -9.07 -15.42 4.17
C VAL E 165 -10.28 -14.53 4.32
N GLU E 166 -10.63 -14.22 5.57
CA GLU E 166 -11.73 -13.33 5.86
C GLU E 166 -11.19 -12.11 6.60
N HIS E 167 -11.52 -10.93 6.08
CA HIS E 167 -11.13 -9.63 6.59
C HIS E 167 -12.28 -8.62 6.41
N TRP E 168 -12.48 -7.71 7.37
CA TRP E 168 -13.61 -6.77 7.27
C TRP E 168 -13.51 -5.81 6.12
N GLY E 169 -12.40 -5.86 5.40
CA GLY E 169 -12.25 -4.93 4.28
C GLY E 169 -12.67 -5.56 3.00
N LEU E 170 -12.87 -6.88 3.01
CA LEU E 170 -13.27 -7.63 1.82
C LEU E 170 -14.79 -7.80 1.85
N ASP E 171 -15.44 -7.78 0.69
CA ASP E 171 -16.89 -7.94 0.67
C ASP E 171 -17.39 -9.36 0.68
N GLU E 172 -16.48 -10.34 0.62
CA GLU E 172 -16.79 -11.80 0.66
C GLU E 172 -15.45 -12.53 0.85
N PRO E 173 -15.43 -13.73 1.47
CA PRO E 173 -14.14 -14.42 1.66
C PRO E 173 -13.25 -14.54 0.41
N LEU E 174 -11.93 -14.54 0.59
CA LEU E 174 -11.01 -14.64 -0.55
C LEU E 174 -10.24 -15.98 -0.60
N LEU E 175 -10.49 -16.79 -1.65
CA LEU E 175 -9.81 -18.10 -1.90
C LEU E 175 -8.67 -17.98 -2.89
N LYS E 176 -7.45 -18.32 -2.49
CA LYS E 176 -6.28 -18.26 -3.35
C LYS E 176 -6.01 -19.73 -3.50
N HIS E 177 -6.16 -20.22 -4.72
CA HIS E 177 -6.02 -21.64 -5.06
C HIS E 177 -4.60 -22.16 -5.26
N TRP E 178 -4.42 -23.47 -5.09
CA TRP E 178 -3.15 -24.11 -5.38
C TRP E 178 -3.45 -25.54 -5.72
N GLU E 179 -2.89 -26.04 -6.82
CA GLU E 179 -3.00 -27.42 -7.32
C GLU E 179 -1.86 -27.64 -8.32
N PHE E 180 -1.21 -28.81 -8.25
CA PHE E 180 -0.08 -29.24 -9.11
C PHE E 180 -0.39 -29.11 -10.62
N ASP E 181 0.46 -28.39 -11.34
CA ASP E 181 0.30 -28.20 -12.79
C ASP E 181 1.63 -28.58 -13.42
N GLY F 1 -18.93 -8.75 8.24
CA GLY F 1 -19.99 -9.18 9.13
C GLY F 1 -20.10 -8.20 10.28
N ASP F 2 -19.20 -8.32 11.26
CA ASP F 2 -19.21 -7.41 12.40
C ASP F 2 -19.03 -5.99 11.82
N THR F 3 -20.05 -5.16 11.96
CA THR F 3 -20.03 -3.81 11.41
C THR F 3 -19.44 -2.71 12.30
N ARG F 4 -19.25 -3.01 13.58
CA ARG F 4 -18.71 -2.05 14.54
C ARG F 4 -17.37 -1.44 14.16
N PRO F 5 -17.24 -0.12 14.27
CA PRO F 5 -16.00 0.57 13.93
C PRO F 5 -14.89 0.20 14.89
N ARG F 6 -13.69 0.06 14.36
CA ARG F 6 -12.55 -0.31 15.22
C ARG F 6 -11.67 0.89 15.35
N PHE F 7 -10.88 0.89 16.40
CA PHE F 7 -9.93 1.95 16.69
C PHE F 7 -8.72 1.18 17.08
N LEU F 8 -7.57 1.55 16.53
CA LEU F 8 -6.37 0.79 16.79
C LEU F 8 -5.27 1.68 17.20
N TRP F 9 -4.45 1.23 18.15
CA TRP F 9 -3.29 1.99 18.62
C TRP F 9 -2.08 1.05 18.48
N GLN F 10 -0.97 1.60 18.01
CA GLN F 10 0.24 0.84 17.75
C GLN F 10 1.44 1.63 18.23
N LEU F 11 2.40 1.00 18.87
CA LEU F 11 3.60 1.69 19.31
C LEU F 11 4.74 0.86 18.81
N LYS F 12 5.65 1.46 18.04
CA LYS F 12 6.81 0.75 17.46
C LYS F 12 8.09 1.42 17.92
N PHE F 13 9.12 0.66 18.29
CA PHE F 13 10.41 1.24 18.65
C PHE F 13 11.30 0.61 17.62
N GLU F 14 12.05 1.39 16.86
CA GLU F 14 12.88 0.82 15.81
C GLU F 14 14.30 1.16 16.02
N CYS F 15 15.16 0.16 16.03
CA CYS F 15 16.57 0.40 16.22
C CYS F 15 17.16 0.16 14.88
N HIS F 16 17.68 1.21 14.25
CA HIS F 16 18.28 1.09 12.91
C HIS F 16 19.76 1.06 13.02
N PHE F 17 20.33 0.00 12.52
CA PHE F 17 21.74 -0.18 12.66
C PHE F 17 22.53 0.00 11.42
N PHE F 18 23.57 0.81 11.55
CA PHE F 18 24.48 1.06 10.43
C PHE F 18 25.91 0.65 10.79
N ASN F 19 26.55 -0.03 9.86
CA ASN F 19 27.92 -0.48 9.99
C ASN F 19 28.06 -1.15 11.32
N GLY F 20 27.35 -2.27 11.46
CA GLY F 20 27.31 -3.04 12.71
C GLY F 20 26.43 -2.22 13.61
N THR F 21 27.01 -1.69 14.67
CA THR F 21 26.31 -0.80 15.58
C THR F 21 27.15 0.49 15.60
N GLU F 22 27.82 0.85 14.51
CA GLU F 22 28.67 2.02 14.55
C GLU F 22 27.80 3.23 14.59
N ARG F 23 26.69 3.16 13.88
CA ARG F 23 25.74 4.25 13.91
C ARG F 23 24.45 3.55 14.23
N VAL F 24 23.73 4.03 15.22
CA VAL F 24 22.48 3.46 15.64
C VAL F 24 21.50 4.63 15.77
N ARG F 25 20.27 4.44 15.30
CA ARG F 25 19.24 5.46 15.40
C ARG F 25 17.96 4.81 15.86
N LEU F 26 17.45 5.27 16.98
CA LEU F 26 16.21 4.75 17.50
C LEU F 26 15.15 5.75 17.04
N LEU F 27 14.05 5.22 16.55
CA LEU F 27 12.94 6.02 16.12
C LEU F 27 11.75 5.33 16.80
N GLU F 28 11.13 5.98 17.76
CA GLU F 28 9.98 5.40 18.42
C GLU F 28 8.80 6.10 17.79
N ARG F 29 7.73 5.38 17.48
CA ARG F 29 6.63 6.06 16.85
C ARG F 29 5.26 5.62 17.23
N CYS F 30 4.33 6.56 17.44
CA CYS F 30 2.95 6.26 17.76
C CYS F 30 2.11 6.42 16.55
N ILE F 31 1.30 5.42 16.29
CA ILE F 31 0.48 5.43 15.10
C ILE F 31 -0.95 5.31 15.57
N TYR F 32 -1.84 6.23 15.24
CA TYR F 32 -3.23 6.07 15.67
C TYR F 32 -3.84 4.98 14.82
N ASN F 33 -4.69 5.26 13.83
CA ASN F 33 -5.20 4.08 13.09
C ASN F 33 -4.13 3.65 12.10
N GLN F 34 -3.87 4.42 11.05
CA GLN F 34 -2.80 4.07 10.13
C GLN F 34 -2.03 5.34 9.95
N GLU F 35 -2.29 6.28 10.87
CA GLU F 35 -1.68 7.61 10.87
C GLU F 35 -0.72 7.76 12.04
N GLU F 36 0.57 7.98 11.76
CA GLU F 36 1.55 8.18 12.81
C GLU F 36 1.37 9.58 13.30
N SER F 37 1.13 9.73 14.61
CA SER F 37 0.88 11.00 15.24
C SER F 37 2.05 11.72 15.95
N VAL F 38 2.93 10.99 16.62
CA VAL F 38 4.11 11.54 17.32
C VAL F 38 5.24 10.52 17.25
N ARG F 39 6.50 10.97 17.30
CA ARG F 39 7.61 10.03 17.33
C ARG F 39 8.82 10.65 17.98
N PHE F 40 9.79 9.84 18.38
CA PHE F 40 11.02 10.33 18.99
C PHE F 40 12.09 9.79 18.10
N ASP F 41 12.91 10.67 17.53
CA ASP F 41 13.96 10.25 16.64
C ASP F 41 15.24 10.64 17.31
N SER F 42 16.09 9.66 17.61
CA SER F 42 17.35 9.95 18.29
C SER F 42 18.23 11.03 17.64
N ASP F 43 18.06 11.21 16.33
CA ASP F 43 18.84 12.20 15.58
C ASP F 43 18.35 13.62 15.88
N VAL F 44 17.17 13.73 16.45
CA VAL F 44 16.59 15.01 16.76
C VAL F 44 16.72 15.27 18.25
N GLY F 45 16.45 14.25 19.05
CA GLY F 45 16.60 14.43 20.48
C GLY F 45 15.34 14.70 21.29
N GLU F 46 14.22 14.80 20.61
CA GLU F 46 12.97 15.07 21.30
C GLU F 46 11.78 14.62 20.49
N TYR F 47 10.61 14.62 21.13
CA TYR F 47 9.41 14.21 20.44
C TYR F 47 8.99 15.29 19.45
N ARG F 48 8.33 14.91 18.38
CA ARG F 48 7.88 15.87 17.40
C ARG F 48 6.56 15.37 16.97
N ALA F 49 5.53 16.19 17.06
CA ALA F 49 4.20 15.76 16.63
C ALA F 49 4.38 15.54 15.15
N VAL F 50 3.88 14.43 14.64
CA VAL F 50 3.98 14.17 13.24
C VAL F 50 2.70 14.70 12.60
N THR F 51 1.58 14.59 13.27
CA THR F 51 0.35 15.14 12.73
C THR F 51 -0.28 15.95 13.85
N GLU F 52 -1.34 16.70 13.59
CA GLU F 52 -1.95 17.48 14.66
C GLU F 52 -2.47 16.77 15.93
N LEU F 53 -2.66 15.45 15.89
CA LEU F 53 -3.14 14.69 17.05
C LEU F 53 -2.08 14.50 18.13
N GLY F 54 -0.86 14.40 17.62
CA GLY F 54 0.28 14.17 18.48
C GLY F 54 0.82 15.40 19.14
N ARG F 55 0.50 16.58 18.61
CA ARG F 55 1.02 17.80 19.24
C ARG F 55 0.89 17.82 20.76
N PRO F 56 -0.29 17.42 21.29
CA PRO F 56 -0.40 17.46 22.76
C PRO F 56 0.65 16.56 23.41
N ASP F 57 0.81 15.36 22.84
CA ASP F 57 1.77 14.37 23.32
C ASP F 57 3.17 14.84 23.15
N ALA F 58 3.52 15.31 21.97
CA ALA F 58 4.88 15.80 21.79
C ALA F 58 5.20 16.86 22.81
N GLU F 59 4.28 17.81 23.00
CA GLU F 59 4.52 18.89 23.96
C GLU F 59 4.62 18.40 25.40
N TYR F 60 3.77 17.48 25.78
CA TYR F 60 3.76 16.94 27.12
C TYR F 60 4.98 16.12 27.40
N TRP F 61 5.19 15.10 26.60
CA TRP F 61 6.34 14.23 26.80
C TRP F 61 7.68 14.99 26.79
N ASN F 62 7.79 16.04 25.99
CA ASN F 62 9.04 16.77 25.97
C ASN F 62 9.24 17.59 27.24
N SER F 63 8.16 17.76 28.02
CA SER F 63 8.18 18.51 29.28
C SER F 63 8.84 17.68 30.40
N GLN F 64 8.67 16.38 30.29
CA GLN F 64 9.22 15.41 31.22
C GLN F 64 10.68 15.13 30.88
N LYS F 65 11.59 15.96 31.35
CA LYS F 65 13.00 15.77 31.03
C LYS F 65 13.56 14.39 31.45
N ASP F 66 12.91 13.73 32.40
CA ASP F 66 13.28 12.37 32.84
C ASP F 66 13.24 11.41 31.63
N LEU F 67 12.05 11.39 31.00
CA LEU F 67 11.72 10.59 29.82
C LEU F 67 12.75 10.91 28.76
N LEU F 68 12.86 12.18 28.38
CA LEU F 68 13.82 12.59 27.36
C LEU F 68 15.24 12.13 27.54
N GLU F 69 15.67 11.91 28.76
CA GLU F 69 17.05 11.47 28.94
C GLU F 69 17.22 9.98 28.79
N GLN F 70 16.24 9.20 29.26
CA GLN F 70 16.21 7.73 29.17
C GLN F 70 16.23 7.30 27.71
N ARG F 71 15.34 7.94 26.93
CA ARG F 71 15.19 7.71 25.50
C ARG F 71 16.50 8.07 24.81
N ARG F 72 17.08 9.21 25.18
CA ARG F 72 18.30 9.63 24.57
C ARG F 72 19.39 8.61 24.77
N ALA F 73 19.34 7.90 25.89
CA ALA F 73 20.32 6.87 26.21
C ALA F 73 19.88 5.53 25.67
N ALA F 74 18.66 5.47 25.16
CA ALA F 74 18.10 4.23 24.59
C ALA F 74 18.94 3.63 23.48
N VAL F 75 19.62 4.43 22.65
CA VAL F 75 20.43 3.80 21.58
C VAL F 75 21.53 2.97 22.11
N ASP F 76 21.90 3.17 23.38
CA ASP F 76 22.94 2.36 24.03
C ASP F 76 22.29 1.38 25.00
N THR F 77 21.36 1.88 25.81
CA THR F 77 20.76 1.02 26.78
C THR F 77 19.82 0.00 26.22
N TYR F 78 19.15 0.33 25.13
CA TYR F 78 18.17 -0.54 24.51
C TYR F 78 18.64 -1.14 23.20
N CYS F 79 18.94 -0.27 22.26
CA CYS F 79 19.33 -0.69 20.92
C CYS F 79 20.57 -1.49 20.87
N ARG F 80 21.69 -0.89 21.23
CA ARG F 80 22.94 -1.62 21.20
C ARG F 80 22.91 -2.84 22.13
N HIS F 81 22.14 -2.75 23.18
CA HIS F 81 22.05 -3.88 24.07
C HIS F 81 21.35 -5.07 23.43
N ASN F 82 20.21 -4.84 22.80
CA ASN F 82 19.45 -5.90 22.15
C ASN F 82 20.20 -6.42 20.93
N TYR F 83 20.86 -5.58 20.18
CA TYR F 83 21.60 -6.09 19.03
C TYR F 83 22.62 -7.09 19.53
N GLY F 84 23.18 -6.82 20.71
CA GLY F 84 24.20 -7.68 21.32
C GLY F 84 23.67 -8.97 21.92
N VAL F 85 22.38 -8.93 22.48
CA VAL F 85 21.70 -10.08 23.08
C VAL F 85 21.32 -11.03 21.97
N GLY F 86 20.88 -10.48 20.83
CA GLY F 86 20.49 -11.31 19.69
C GLY F 86 21.51 -11.60 18.58
N GLU F 87 22.64 -10.91 18.56
CA GLU F 87 23.63 -11.08 17.51
C GLU F 87 23.94 -12.45 16.92
N SER F 88 24.24 -13.43 17.75
CA SER F 88 24.58 -14.79 17.28
C SER F 88 23.45 -15.58 16.64
N PHE F 89 22.22 -15.32 17.05
CA PHE F 89 21.11 -16.06 16.46
C PHE F 89 20.27 -15.24 15.43
N THR F 90 20.64 -14.01 15.17
CA THR F 90 19.87 -13.28 14.23
C THR F 90 20.86 -12.71 13.26
N VAL F 91 21.53 -11.65 13.66
CA VAL F 91 22.53 -11.03 12.79
C VAL F 91 23.54 -12.03 12.24
N GLN F 92 23.93 -13.04 13.01
CA GLN F 92 24.92 -13.99 12.53
C GLN F 92 24.33 -15.31 12.07
N ARG F 93 23.04 -15.34 11.73
CA ARG F 93 22.37 -16.54 11.24
C ARG F 93 22.80 -16.82 9.85
N ARG F 94 23.11 -17.88 8.79
CA ARG F 94 23.42 -18.20 7.42
C ARG F 94 22.92 -19.59 7.12
N VAL F 95 21.93 -19.66 6.24
CA VAL F 95 21.32 -20.90 5.80
C VAL F 95 21.56 -20.81 4.29
N GLU F 96 22.14 -21.88 3.73
CA GLU F 96 22.52 -21.99 2.35
C GLU F 96 21.31 -22.31 1.54
N PRO F 97 21.32 -21.89 0.29
CA PRO F 97 20.13 -22.21 -0.50
C PRO F 97 20.28 -23.50 -1.33
N LYS F 98 19.16 -24.07 -1.76
CA LYS F 98 19.31 -25.13 -2.71
C LYS F 98 18.76 -24.64 -4.00
N VAL F 99 19.56 -24.77 -5.04
CA VAL F 99 19.27 -24.34 -6.39
C VAL F 99 18.69 -25.51 -7.18
N THR F 100 17.75 -25.22 -8.06
CA THR F 100 17.09 -26.25 -8.84
C THR F 100 16.73 -25.55 -10.10
N VAL F 101 17.10 -26.14 -11.23
CA VAL F 101 16.81 -25.58 -12.54
C VAL F 101 15.88 -26.56 -13.25
N TYR F 102 14.75 -26.09 -13.76
CA TYR F 102 13.81 -26.94 -14.49
C TYR F 102 13.07 -26.11 -15.51
N PRO F 103 12.88 -26.61 -16.72
CA PRO F 103 12.16 -25.81 -17.69
C PRO F 103 10.69 -25.77 -17.27
N SER F 104 10.04 -24.63 -17.41
CA SER F 104 8.63 -24.40 -17.04
C SER F 104 7.55 -25.34 -17.59
N LYS F 105 7.62 -25.73 -18.87
CA LYS F 105 6.62 -26.68 -19.42
C LYS F 105 7.36 -27.82 -20.12
N THR F 106 7.54 -28.95 -19.45
CA THR F 106 8.27 -30.07 -20.03
C THR F 106 7.70 -30.50 -21.38
N GLN F 107 8.21 -29.86 -22.43
CA GLN F 107 7.78 -30.08 -23.82
C GLN F 107 9.02 -30.03 -24.74
N PRO F 108 8.87 -30.44 -26.02
CA PRO F 108 9.96 -30.44 -27.02
C PRO F 108 10.65 -29.14 -27.46
N LEU F 109 11.84 -29.35 -28.06
CA LEU F 109 12.80 -28.36 -28.57
C LEU F 109 12.41 -27.26 -29.57
N GLN F 110 13.41 -26.41 -29.85
CA GLN F 110 13.28 -25.34 -30.83
C GLN F 110 11.98 -24.55 -30.65
N HIS F 111 11.65 -24.31 -29.38
CA HIS F 111 10.43 -23.59 -29.04
C HIS F 111 10.62 -22.81 -27.74
N HIS F 112 9.93 -21.66 -27.66
CA HIS F 112 9.99 -20.80 -26.50
C HIS F 112 9.74 -21.55 -25.22
N ASN F 113 10.68 -21.48 -24.28
CA ASN F 113 10.46 -22.08 -22.97
C ASN F 113 11.22 -21.26 -21.96
N LEU F 114 10.70 -21.19 -20.74
CA LEU F 114 11.35 -20.46 -19.65
C LEU F 114 12.10 -21.46 -18.84
N LEU F 115 13.38 -21.27 -18.62
CA LEU F 115 14.09 -22.18 -17.74
C LEU F 115 13.92 -21.56 -16.35
N VAL F 116 13.71 -22.37 -15.33
CA VAL F 116 13.50 -21.84 -14.02
C VAL F 116 14.64 -22.19 -13.08
N CYS F 117 15.16 -21.19 -12.41
CA CYS F 117 16.19 -21.45 -11.44
C CYS F 117 15.53 -21.04 -10.16
N SER F 118 15.17 -22.04 -9.37
CA SER F 118 14.54 -21.88 -8.08
C SER F 118 15.60 -21.87 -6.99
N VAL F 119 15.70 -20.78 -6.24
CA VAL F 119 16.67 -20.62 -5.17
C VAL F 119 15.83 -20.46 -3.91
N SER F 120 15.93 -21.40 -2.97
CA SER F 120 15.11 -21.35 -1.78
C SER F 120 15.76 -21.72 -0.50
N GLY F 121 15.13 -21.25 0.56
CA GLY F 121 15.53 -21.55 1.92
C GLY F 121 16.75 -20.88 2.47
N PHE F 122 17.14 -19.73 1.95
CA PHE F 122 18.35 -19.07 2.46
C PHE F 122 18.08 -17.95 3.39
N TYR F 123 19.14 -17.54 4.07
CA TYR F 123 19.12 -16.41 4.97
C TYR F 123 20.58 -16.03 5.12
N PRO F 124 20.92 -14.75 5.00
CA PRO F 124 20.21 -13.49 4.74
C PRO F 124 19.59 -13.45 3.34
N GLY F 125 18.82 -12.40 3.05
CA GLY F 125 18.20 -12.32 1.76
C GLY F 125 19.11 -11.84 0.67
N SER F 126 20.37 -11.49 0.96
CA SER F 126 21.27 -10.98 -0.09
C SER F 126 21.80 -12.10 -0.93
N ILE F 127 21.43 -12.13 -2.20
CA ILE F 127 21.85 -13.19 -3.07
C ILE F 127 22.06 -12.63 -4.46
N GLU F 128 22.71 -13.39 -5.32
CA GLU F 128 22.96 -12.95 -6.68
C GLU F 128 22.76 -14.23 -7.49
N VAL F 129 21.79 -14.27 -8.39
CA VAL F 129 21.57 -15.47 -9.20
C VAL F 129 21.71 -15.05 -10.65
N ARG F 130 22.56 -15.71 -11.40
CA ARG F 130 22.79 -15.33 -12.78
C ARG F 130 22.59 -16.49 -13.69
N TRP F 131 22.23 -16.20 -14.93
CA TRP F 131 22.01 -17.23 -15.92
C TRP F 131 23.12 -17.15 -16.95
N PHE F 132 23.65 -18.27 -17.41
CA PHE F 132 24.70 -18.21 -18.44
C PHE F 132 24.33 -19.11 -19.61
N ARG F 133 24.38 -18.55 -20.85
CA ARG F 133 24.12 -19.30 -22.11
C ARG F 133 25.50 -19.75 -22.58
N ASN F 134 25.72 -21.07 -22.49
CA ASN F 134 26.99 -21.70 -22.81
C ASN F 134 28.17 -20.86 -22.33
N GLY F 135 28.24 -20.71 -21.00
CA GLY F 135 29.31 -19.94 -20.42
C GLY F 135 29.24 -18.44 -20.62
N GLN F 136 28.19 -17.94 -21.23
CA GLN F 136 28.11 -16.49 -21.41
C GLN F 136 26.87 -15.93 -20.70
N GLU F 137 26.99 -14.74 -20.08
CA GLU F 137 25.92 -14.13 -19.27
C GLU F 137 24.68 -13.53 -19.89
N GLU F 138 23.55 -13.98 -19.36
CA GLU F 138 22.25 -13.61 -19.86
C GLU F 138 21.54 -12.52 -19.13
N LYS F 139 21.48 -11.33 -19.71
CA LYS F 139 20.78 -10.23 -19.06
C LYS F 139 19.48 -9.91 -19.79
N ALA F 140 19.05 -10.80 -20.66
CA ALA F 140 17.84 -10.53 -21.39
C ALA F 140 16.84 -11.66 -21.19
N GLY F 141 15.60 -11.26 -20.90
CA GLY F 141 14.55 -12.23 -20.72
C GLY F 141 14.55 -12.92 -19.39
N VAL F 142 15.05 -12.25 -18.38
CA VAL F 142 15.04 -12.87 -17.11
C VAL F 142 13.86 -12.38 -16.30
N VAL F 143 12.84 -13.19 -16.23
CA VAL F 143 11.67 -12.87 -15.48
C VAL F 143 12.00 -13.35 -14.08
N SER F 144 12.39 -12.42 -13.21
CA SER F 144 12.68 -12.73 -11.79
C SER F 144 11.58 -12.18 -10.93
N THR F 145 11.36 -12.98 -9.90
CA THR F 145 10.34 -12.83 -8.89
C THR F 145 10.70 -11.86 -7.77
N GLY F 146 11.93 -11.42 -7.73
CA GLY F 146 12.28 -10.61 -6.59
C GLY F 146 12.61 -11.58 -5.46
N LEU F 147 12.90 -11.05 -4.31
CA LEU F 147 13.23 -11.89 -3.16
C LEU F 147 11.96 -12.05 -2.36
N ILE F 148 11.69 -13.27 -1.92
CA ILE F 148 10.51 -13.57 -1.16
C ILE F 148 10.87 -13.91 0.28
N GLN F 149 10.32 -13.14 1.21
CA GLN F 149 10.56 -13.35 2.63
C GLN F 149 9.45 -14.28 2.98
N ASN F 150 9.80 -15.51 3.38
CA ASN F 150 8.83 -16.56 3.70
C ASN F 150 8.22 -16.50 5.07
N GLY F 151 8.80 -15.71 5.96
CA GLY F 151 8.23 -15.60 7.29
C GLY F 151 8.81 -16.46 8.39
N ASP F 152 9.55 -17.51 8.03
CA ASP F 152 10.15 -18.44 8.96
C ASP F 152 11.67 -18.34 9.02
N TRP F 153 12.17 -17.14 8.80
CA TRP F 153 13.60 -16.87 8.78
C TRP F 153 14.31 -17.48 7.61
N THR F 154 13.59 -17.59 6.51
CA THR F 154 14.08 -18.16 5.28
C THR F 154 13.53 -17.29 4.15
N PHE F 155 14.28 -17.15 3.03
CA PHE F 155 13.88 -16.39 1.79
C PHE F 155 13.91 -17.34 0.59
N GLN F 156 13.27 -16.98 -0.52
CA GLN F 156 13.34 -17.80 -1.74
C GLN F 156 13.26 -16.87 -2.89
N THR F 157 13.63 -17.32 -4.06
CA THR F 157 13.53 -16.48 -5.24
C THR F 157 13.53 -17.42 -6.45
N LEU F 158 12.78 -17.06 -7.49
CA LEU F 158 12.73 -17.81 -8.74
C LEU F 158 13.11 -16.87 -9.88
N VAL F 159 14.19 -17.20 -10.56
CA VAL F 159 14.68 -16.39 -11.65
C VAL F 159 14.59 -17.17 -12.92
N MET F 160 13.72 -16.72 -13.83
CA MET F 160 13.50 -17.40 -15.10
C MET F 160 14.31 -16.85 -16.23
N LEU F 161 14.44 -17.65 -17.27
CA LEU F 161 15.19 -17.27 -18.44
C LEU F 161 14.41 -17.69 -19.65
N GLU F 162 14.08 -16.73 -20.50
CA GLU F 162 13.38 -17.02 -21.72
C GLU F 162 14.45 -17.55 -22.65
N THR F 163 14.24 -18.76 -23.15
CA THR F 163 15.17 -19.40 -24.06
C THR F 163 14.40 -20.01 -25.23
N VAL F 164 15.10 -20.19 -26.35
CA VAL F 164 14.57 -20.85 -27.54
C VAL F 164 15.52 -22.02 -27.52
N PRO F 165 15.21 -23.06 -26.73
CA PRO F 165 16.15 -24.19 -26.70
C PRO F 165 16.60 -24.82 -28.03
N ARG F 166 17.92 -24.77 -28.21
CA ARG F 166 18.58 -25.36 -29.35
C ARG F 166 19.64 -26.23 -28.70
N SER F 167 19.62 -27.51 -29.03
CA SER F 167 20.49 -28.50 -28.40
C SER F 167 21.96 -28.29 -28.54
N GLY F 168 22.65 -29.04 -27.68
CA GLY F 168 24.09 -28.95 -27.57
C GLY F 168 24.36 -27.80 -26.61
N GLU F 169 23.32 -27.06 -26.28
CA GLU F 169 23.54 -25.94 -25.37
C GLU F 169 23.42 -26.35 -23.94
N VAL F 170 24.03 -25.52 -23.11
CA VAL F 170 24.06 -25.71 -21.68
C VAL F 170 23.82 -24.33 -21.08
N TYR F 171 22.86 -24.27 -20.15
CA TYR F 171 22.52 -23.04 -19.46
C TYR F 171 22.85 -23.35 -18.02
N THR F 172 23.42 -22.35 -17.36
CA THR F 172 23.84 -22.49 -15.98
C THR F 172 23.28 -21.40 -15.13
N CYS F 173 22.77 -21.81 -13.99
CA CYS F 173 22.25 -20.89 -12.99
C CYS F 173 23.32 -20.83 -11.93
N GLN F 174 23.83 -19.61 -11.75
CA GLN F 174 24.88 -19.40 -10.80
C GLN F 174 24.39 -18.57 -9.64
N VAL F 175 24.56 -19.09 -8.43
CA VAL F 175 24.10 -18.40 -7.23
C VAL F 175 25.22 -18.04 -6.26
N GLU F 176 25.26 -16.79 -5.87
CA GLU F 176 26.24 -16.32 -4.92
C GLU F 176 25.52 -15.87 -3.64
N HIS F 177 25.93 -16.36 -2.48
CA HIS F 177 25.27 -15.96 -1.25
C HIS F 177 26.30 -16.00 -0.09
N PRO F 178 26.12 -15.17 0.96
CA PRO F 178 27.04 -15.15 2.12
C PRO F 178 27.39 -16.50 2.67
N SER F 179 26.50 -17.48 2.55
CA SER F 179 26.80 -18.78 3.12
C SER F 179 27.67 -19.70 2.31
N VAL F 180 28.28 -19.22 1.24
CA VAL F 180 29.14 -20.09 0.43
C VAL F 180 30.32 -19.26 -0.01
N THR F 181 31.49 -19.89 -0.09
CA THR F 181 32.68 -19.18 -0.53
C THR F 181 32.71 -19.06 -2.04
N SER F 182 32.43 -20.20 -2.70
CA SER F 182 32.38 -20.30 -4.16
C SER F 182 30.92 -20.43 -4.55
N PRO F 183 30.53 -19.87 -5.71
CA PRO F 183 29.12 -20.00 -6.07
C PRO F 183 28.65 -21.39 -6.42
N LEU F 184 27.37 -21.64 -6.09
CA LEU F 184 26.66 -22.86 -6.40
C LEU F 184 26.29 -22.62 -7.86
N THR F 185 26.21 -23.65 -8.68
CA THR F 185 25.82 -23.50 -10.09
C THR F 185 25.01 -24.73 -10.42
N VAL F 186 23.92 -24.54 -11.14
CA VAL F 186 23.13 -25.70 -11.52
C VAL F 186 22.99 -25.52 -12.99
N GLU F 187 23.39 -26.56 -13.69
CA GLU F 187 23.45 -26.59 -15.13
C GLU F 187 22.30 -27.34 -15.74
N TRP F 188 21.96 -26.91 -16.93
CA TRP F 188 20.88 -27.53 -17.67
C TRP F 188 21.27 -27.72 -19.14
N ARG F 189 20.99 -28.92 -19.67
CA ARG F 189 21.31 -29.21 -21.04
C ARG F 189 20.08 -29.37 -21.93
N ALA F 190 20.10 -28.54 -22.99
CA ALA F 190 19.07 -28.41 -24.01
C ALA F 190 18.79 -29.72 -24.75
N ARG F 191 17.82 -30.47 -24.21
CA ARG F 191 17.38 -31.78 -24.70
C ARG F 191 17.86 -32.19 -26.08
N SER F 192 18.74 -33.20 -26.10
CA SER F 192 19.27 -33.72 -27.36
C SER F 192 18.39 -34.87 -27.87
N UNK G 1 22.34 -12.37 26.83
CA UNK G 1 21.14 -13.07 27.26
C UNK G 1 19.76 -12.36 27.28
N UNK G 2 19.55 -11.32 28.10
CA UNK G 2 18.21 -10.73 28.12
C UNK G 2 17.94 -9.60 27.15
N UNK G 3 16.81 -9.71 26.45
CA UNK G 3 16.38 -8.68 25.51
C UNK G 3 15.61 -7.72 26.42
N UNK G 4 15.88 -6.43 26.27
CA UNK G 4 15.23 -5.44 27.08
C UNK G 4 14.09 -4.79 26.29
N UNK G 5 12.96 -4.54 26.94
CA UNK G 5 11.74 -3.90 26.39
C UNK G 5 11.80 -2.38 26.62
N UNK G 6 11.14 -1.56 25.81
CA UNK G 6 11.16 -0.15 26.16
C UNK G 6 9.74 -0.06 26.57
N UNK G 7 9.46 0.72 27.60
CA UNK G 7 8.13 0.78 28.14
C UNK G 7 7.37 1.86 27.50
N UNK G 8 6.07 1.68 27.42
CA UNK G 8 5.20 2.66 26.82
C UNK G 8 4.87 3.80 27.80
N UNK G 9 5.00 5.06 27.33
CA UNK G 9 4.69 6.27 28.13
C UNK G 9 3.17 6.50 28.09
N UNK G 10 2.64 7.29 28.99
CA UNK G 10 1.21 7.54 28.97
C UNK G 10 0.86 8.91 28.36
N UNK G 11 -0.15 8.90 27.48
CA UNK G 11 -0.67 10.08 26.76
C UNK G 11 -1.30 11.13 27.73
N UNK G 12 -1.64 12.29 27.18
CA UNK G 12 -2.22 13.36 27.97
C UNK G 12 -3.75 13.28 28.17
N UNK G 13 -4.10 13.26 29.46
CA UNK G 13 -5.49 13.21 29.92
C UNK G 13 -6.13 11.86 29.71
N SER H 1 -12.44 -38.54 34.93
CA SER H 1 -11.98 -38.47 33.54
C SER H 1 -10.46 -38.37 33.48
N GLN H 2 -9.91 -37.40 34.22
CA GLN H 2 -8.48 -37.20 34.26
C GLN H 2 -7.82 -38.35 34.99
N PRO H 3 -6.86 -39.01 34.33
CA PRO H 3 -6.17 -40.13 34.96
C PRO H 3 -5.42 -39.68 36.20
N ASP H 4 -5.42 -40.51 37.24
CA ASP H 4 -4.70 -40.17 38.45
C ASP H 4 -3.21 -40.18 38.10
N PRO H 5 -2.38 -39.40 38.83
CA PRO H 5 -0.95 -39.27 38.60
C PRO H 5 0.00 -40.40 38.42
N LYS H 6 0.76 -40.33 37.32
CA LYS H 6 1.80 -41.30 37.05
C LYS H 6 2.73 -40.78 38.13
N PRO H 7 3.08 -41.64 39.11
CA PRO H 7 3.91 -41.41 40.30
C PRO H 7 5.00 -40.35 40.26
N ASP H 8 5.58 -40.15 39.09
CA ASP H 8 6.67 -39.19 38.89
C ASP H 8 6.15 -37.79 38.71
N GLU H 9 4.86 -37.69 38.41
CA GLU H 9 4.20 -36.42 38.17
C GLU H 9 4.33 -35.43 39.30
N LEU H 10 3.67 -35.78 40.40
CA LEU H 10 3.63 -34.93 41.57
C LEU H 10 4.85 -34.04 41.84
N HIS H 11 4.56 -32.85 42.34
CA HIS H 11 5.57 -31.87 42.64
C HIS H 11 6.13 -32.13 44.02
N LYS H 12 7.44 -31.98 44.15
CA LYS H 12 8.13 -32.20 45.39
C LYS H 12 8.53 -30.90 46.05
N SER H 13 7.97 -30.62 47.22
CA SER H 13 8.30 -29.43 47.97
C SER H 13 9.82 -29.32 48.23
N SER H 14 10.48 -30.46 48.39
CA SER H 14 11.92 -30.49 48.65
C SER H 14 12.69 -29.92 47.48
N LYS H 15 12.08 -29.96 46.31
CA LYS H 15 12.72 -29.46 45.11
C LYS H 15 12.48 -27.99 44.89
N PHE H 16 11.83 -27.34 45.83
CA PHE H 16 11.54 -25.92 45.71
C PHE H 16 12.43 -25.19 46.69
N THR H 17 12.75 -23.91 46.44
CA THR H 17 13.67 -23.18 47.33
C THR H 17 13.25 -21.93 48.10
N GLY H 18 12.45 -21.08 47.48
CA GLY H 18 12.14 -19.85 48.17
C GLY H 18 10.79 -19.58 48.76
N LEU H 19 10.63 -19.65 50.41
CA LEU H 19 9.42 -19.35 51.13
C LEU H 19 8.09 -19.87 50.57
N MET H 20 7.71 -21.03 51.08
CA MET H 20 6.46 -21.64 50.72
C MET H 20 5.34 -20.75 51.28
N GLU H 21 5.72 -19.68 52.00
CA GLU H 21 4.76 -18.77 52.60
C GLU H 21 3.92 -18.10 51.55
N ASN H 22 4.54 -17.80 50.42
CA ASN H 22 3.83 -17.17 49.33
C ASN H 22 2.84 -18.08 48.61
N MET H 23 2.86 -19.38 48.97
CA MET H 23 1.94 -20.37 48.43
C MET H 23 0.84 -20.35 49.47
N LYS H 24 1.27 -20.43 50.74
CA LYS H 24 0.34 -20.41 51.84
C LYS H 24 -0.54 -19.18 51.82
N VAL H 25 0.03 -18.01 51.51
CA VAL H 25 -0.71 -16.72 51.48
C VAL H 25 -1.94 -16.68 50.59
N LEU H 26 -1.93 -17.53 49.57
CA LEU H 26 -3.04 -17.63 48.62
C LEU H 26 -4.24 -18.27 49.30
N TYR H 27 -3.95 -19.15 50.26
CA TYR H 27 -4.96 -19.89 51.01
C TYR H 27 -5.07 -19.47 52.49
N ASP H 28 -3.95 -19.02 53.05
CA ASP H 28 -3.90 -18.63 54.44
C ASP H 28 -4.77 -17.42 54.71
N ASP H 29 -6.04 -17.68 55.02
CA ASP H 29 -7.02 -16.64 55.32
C ASP H 29 -7.08 -15.58 54.19
N ASN H 30 -6.70 -15.96 52.99
CA ASN H 30 -6.68 -14.99 51.90
C ASN H 30 -7.43 -15.42 50.64
N HIS H 31 -8.54 -14.73 50.37
CA HIS H 31 -9.38 -15.07 49.24
C HIS H 31 -10.22 -13.88 48.76
N VAL H 32 -10.70 -13.95 47.53
CA VAL H 32 -11.54 -12.90 46.97
C VAL H 32 -12.93 -13.52 46.85
N SER H 33 -13.97 -12.74 47.04
CA SER H 33 -15.32 -13.27 46.92
C SER H 33 -16.26 -12.08 47.00
N ALA H 34 -17.31 -12.08 46.19
CA ALA H 34 -18.27 -10.99 46.16
C ALA H 34 -19.65 -11.55 45.92
N ILE H 35 -20.64 -10.86 46.45
CA ILE H 35 -22.00 -11.31 46.31
C ILE H 35 -22.72 -10.47 45.28
N ASN H 36 -23.37 -11.16 44.35
CA ASN H 36 -24.14 -10.52 43.31
C ASN H 36 -23.60 -9.27 42.62
N VAL H 37 -22.54 -9.42 41.83
CA VAL H 37 -21.94 -8.30 41.07
C VAL H 37 -21.87 -8.73 39.61
N LYS H 38 -21.72 -7.75 38.72
CA LYS H 38 -21.64 -7.99 37.28
C LYS H 38 -20.30 -7.38 36.77
N SER H 39 -19.96 -7.64 35.51
CA SER H 39 -18.72 -7.10 34.96
C SER H 39 -18.81 -5.59 34.80
N ILE H 40 -17.68 -4.94 34.91
CA ILE H 40 -17.59 -3.49 34.78
C ILE H 40 -17.01 -3.14 33.39
N ASP H 41 -15.99 -3.91 32.97
CA ASP H 41 -15.34 -3.83 31.66
C ASP H 41 -14.26 -4.93 31.62
N GLN H 42 -13.51 -5.02 30.53
CA GLN H 42 -12.44 -6.01 30.42
C GLN H 42 -11.13 -5.32 29.99
N PHE H 43 -10.02 -6.03 30.15
CA PHE H 43 -8.71 -5.53 29.74
C PHE H 43 -8.54 -6.17 28.39
N LEU H 44 -8.40 -7.49 28.40
CA LEU H 44 -8.26 -8.25 27.16
C LEU H 44 -9.52 -9.09 27.03
N TYR H 45 -9.76 -9.65 25.87
CA TYR H 45 -10.97 -10.44 25.61
C TYR H 45 -11.30 -11.71 26.40
N PHE H 46 -10.33 -12.28 27.07
CA PHE H 46 -10.54 -13.48 27.85
C PHE H 46 -10.57 -13.22 29.35
N ASP H 47 -10.87 -11.99 29.76
CA ASP H 47 -10.96 -11.67 31.18
C ASP H 47 -12.13 -10.73 31.46
N LEU H 48 -12.36 -10.43 32.75
CA LEU H 48 -13.46 -9.55 33.21
C LEU H 48 -12.99 -8.75 34.42
N ILE H 49 -13.35 -7.47 34.49
CA ILE H 49 -12.93 -6.68 35.63
C ILE H 49 -14.14 -6.46 36.53
N TYR H 50 -14.04 -6.97 37.77
CA TYR H 50 -15.09 -6.86 38.80
C TYR H 50 -14.89 -5.79 39.88
N SER H 51 -16.04 -5.33 40.38
CA SER H 51 -16.20 -4.29 41.43
C SER H 51 -16.04 -4.81 42.86
N ILE H 52 -15.16 -5.77 43.09
CA ILE H 52 -15.04 -6.29 44.44
C ILE H 52 -14.37 -5.23 45.30
N LYS H 53 -15.09 -4.72 46.29
CA LYS H 53 -14.53 -3.69 47.18
C LYS H 53 -14.29 -4.24 48.59
N ASP H 54 -14.02 -5.54 48.71
CA ASP H 54 -13.82 -6.13 50.03
C ASP H 54 -12.57 -5.67 50.74
N THR H 55 -11.73 -4.93 50.02
CA THR H 55 -10.51 -4.39 50.57
C THR H 55 -9.43 -5.39 51.03
N TYR H 60 -8.07 -5.87 47.32
CA TYR H 60 -9.07 -5.54 46.32
C TYR H 60 -9.07 -4.07 45.97
N ASP H 61 -9.94 -3.79 45.02
CA ASP H 61 -10.31 -2.49 44.46
C ASP H 61 -11.08 -2.93 43.23
N ASN H 62 -10.37 -3.28 42.17
CA ASN H 62 -10.98 -3.80 40.95
C ASN H 62 -10.22 -5.08 40.84
N VAL H 63 -10.90 -6.15 40.46
CA VAL H 63 -10.23 -7.43 40.33
C VAL H 63 -10.32 -7.96 38.92
N ARG H 64 -9.18 -8.27 38.32
CA ARG H 64 -9.18 -8.80 36.96
C ARG H 64 -9.45 -10.30 37.11
N VAL H 65 -10.60 -10.75 36.65
CA VAL H 65 -10.89 -12.18 36.69
C VAL H 65 -10.52 -12.65 35.28
N GLU H 66 -9.61 -13.59 35.18
CA GLU H 66 -9.11 -14.04 33.90
C GLU H 66 -9.53 -15.46 33.55
N PHE H 67 -10.00 -15.65 32.33
CA PHE H 67 -10.45 -16.95 31.88
C PHE H 67 -9.53 -17.51 30.78
N LYS H 68 -9.79 -18.77 30.37
CA LYS H 68 -9.01 -19.51 29.38
C LYS H 68 -9.31 -19.18 27.93
N ASN H 69 -10.58 -18.96 27.65
CA ASN H 69 -11.07 -18.70 26.29
C ASN H 69 -11.84 -17.39 26.32
N LYS H 70 -12.10 -16.85 25.14
CA LYS H 70 -12.88 -15.63 25.02
C LYS H 70 -14.30 -15.99 25.47
N ASP H 71 -14.67 -17.20 25.13
CA ASP H 71 -15.97 -17.76 25.43
C ASP H 71 -16.39 -17.50 26.87
N LEU H 72 -15.57 -17.96 27.81
CA LEU H 72 -15.85 -17.80 29.22
C LEU H 72 -16.11 -16.37 29.67
N ALA H 73 -15.43 -15.39 29.09
CA ALA H 73 -15.64 -13.99 29.50
C ALA H 73 -16.91 -13.44 28.93
N ASP H 74 -17.27 -13.91 27.74
CA ASP H 74 -18.47 -13.47 27.05
C ASP H 74 -19.68 -13.97 27.81
N LYS H 75 -19.57 -15.20 28.27
CA LYS H 75 -20.61 -15.87 29.01
C LYS H 75 -21.02 -15.24 30.37
N TYR H 76 -20.11 -14.54 31.05
CA TYR H 76 -20.45 -13.93 32.35
C TYR H 76 -20.35 -12.41 32.29
N LYS H 77 -19.95 -11.89 31.15
CA LYS H 77 -19.77 -10.47 31.02
C LYS H 77 -20.98 -9.71 31.53
N ASP H 78 -22.08 -9.84 30.80
CA ASP H 78 -23.29 -9.11 31.11
C ASP H 78 -24.11 -9.63 32.28
N LYS H 79 -23.66 -10.73 32.86
CA LYS H 79 -24.36 -11.41 33.95
C LYS H 79 -23.90 -11.11 35.38
N TYR H 80 -24.86 -11.12 36.32
CA TYR H 80 -24.55 -10.88 37.72
C TYR H 80 -24.01 -12.23 38.16
N VAL H 81 -22.84 -12.24 38.75
CA VAL H 81 -22.15 -13.45 39.17
C VAL H 81 -21.66 -13.34 40.59
N ASP H 82 -21.16 -14.44 41.12
CA ASP H 82 -20.64 -14.49 42.45
C ASP H 82 -19.23 -14.99 42.23
N VAL H 83 -18.25 -14.24 42.70
CA VAL H 83 -16.84 -14.60 42.52
C VAL H 83 -16.19 -15.21 43.76
N PHE H 84 -15.13 -16.00 43.57
CA PHE H 84 -14.45 -16.62 44.70
C PHE H 84 -13.15 -17.21 44.22
N GLY H 85 -12.05 -16.97 44.94
CA GLY H 85 -10.79 -17.52 44.53
C GLY H 85 -9.57 -16.91 45.21
N ALA H 86 -8.44 -17.60 45.06
CA ALA H 86 -7.17 -17.21 45.60
C ALA H 86 -6.57 -16.17 44.63
N ASN H 87 -6.40 -14.93 45.08
CA ASN H 87 -5.86 -13.88 44.21
C ASN H 87 -4.37 -13.65 44.41
N TYR H 88 -3.71 -13.00 43.46
CA TYR H 88 -2.29 -12.67 43.58
C TYR H 88 -2.16 -11.17 43.34
N TYR H 89 -0.99 -10.62 43.63
CA TYR H 89 -0.73 -9.19 43.45
C TYR H 89 0.46 -8.91 42.50
N TYR H 90 1.58 -9.60 42.74
CA TYR H 90 2.76 -9.42 41.94
C TYR H 90 2.47 -9.91 40.55
N GLN H 91 2.90 -9.12 39.57
CA GLN H 91 2.72 -9.39 38.14
C GLN H 91 1.27 -9.53 37.70
N CYS H 92 0.47 -8.60 38.21
CA CYS H 92 -0.95 -8.49 37.94
C CYS H 92 -1.13 -7.18 37.18
N TYR H 93 -1.37 -7.24 35.88
CA TYR H 93 -1.49 -6.04 35.08
C TYR H 93 -2.81 -5.96 34.37
N PHE H 94 -3.33 -4.74 34.26
CA PHE H 94 -4.55 -4.48 33.52
C PHE H 94 -4.78 -3.00 33.50
N SER H 95 -5.61 -2.55 32.56
CA SER H 95 -5.92 -1.14 32.48
C SER H 95 -7.43 -1.03 32.64
N LYS H 96 -7.82 -0.15 33.56
CA LYS H 96 -9.24 0.08 33.86
C LYS H 96 -9.74 1.32 33.15
N LYS H 97 -10.90 1.18 32.50
CA LYS H 97 -11.51 2.29 31.79
C LYS H 97 -12.08 3.34 32.77
N LYS H 110 -4.17 -3.25 43.31
CA LYS H 110 -4.77 -3.98 42.19
C LYS H 110 -4.56 -5.47 42.39
N THR H 111 -5.58 -6.26 42.08
CA THR H 111 -5.48 -7.70 42.23
C THR H 111 -6.10 -8.54 41.08
N CYS H 112 -5.41 -9.64 40.77
CA CYS H 112 -5.79 -10.52 39.70
C CYS H 112 -6.08 -11.92 40.16
N MET H 113 -7.01 -12.60 39.52
CA MET H 113 -7.31 -13.97 39.86
C MET H 113 -7.81 -14.67 38.61
N TYR H 114 -7.40 -15.91 38.37
CA TYR H 114 -7.89 -16.66 37.23
C TYR H 114 -9.15 -17.28 37.80
N GLY H 115 -9.96 -16.44 38.39
CA GLY H 115 -11.13 -16.86 39.13
C GLY H 115 -12.34 -17.52 38.55
N GLY H 116 -13.00 -18.26 39.46
CA GLY H 116 -14.23 -18.99 39.18
C GLY H 116 -15.39 -18.14 39.57
N VAL H 117 -16.21 -17.87 38.57
CA VAL H 117 -17.39 -17.10 38.76
C VAL H 117 -18.62 -17.98 38.47
N THR H 118 -19.55 -17.96 39.41
CA THR H 118 -20.78 -18.72 39.40
C THR H 118 -21.97 -17.74 39.34
N GLU H 119 -22.94 -18.01 38.48
CA GLU H 119 -24.13 -17.17 38.29
C GLU H 119 -25.11 -17.20 39.47
N HIS H 120 -26.38 -16.95 39.19
CA HIS H 120 -27.41 -17.06 40.22
C HIS H 120 -28.55 -18.00 39.83
N ASP H 126 -33.84 -22.05 49.44
CA ASP H 126 -32.49 -21.60 49.80
C ASP H 126 -32.04 -22.25 51.11
N LYS H 127 -30.72 -22.37 51.29
CA LYS H 127 -30.15 -23.00 52.50
C LYS H 127 -28.62 -23.02 52.43
N TYR H 128 -28.00 -23.23 53.60
CA TYR H 128 -26.55 -23.33 53.70
C TYR H 128 -26.28 -24.79 53.35
N ARG H 129 -25.04 -25.12 53.01
CA ARG H 129 -24.79 -26.49 52.61
C ARG H 129 -23.39 -26.98 52.86
N SER H 130 -23.28 -28.19 53.43
CA SER H 130 -22.01 -28.84 53.76
C SER H 130 -21.43 -29.78 52.67
N ILE H 131 -20.11 -30.05 52.76
CA ILE H 131 -19.39 -30.96 51.84
C ILE H 131 -18.31 -31.64 52.70
N THR H 132 -17.71 -32.75 52.25
CA THR H 132 -16.72 -33.46 53.08
C THR H 132 -15.45 -34.04 52.40
N VAL H 133 -14.29 -33.95 53.07
CA VAL H 133 -12.97 -34.39 52.53
C VAL H 133 -12.24 -35.55 53.27
N ARG H 134 -10.95 -35.83 52.95
CA ARG H 134 -10.21 -36.94 53.60
C ARG H 134 -8.67 -37.02 53.37
N VAL H 135 -8.07 -38.21 53.56
CA VAL H 135 -6.64 -38.60 53.34
C VAL H 135 -5.38 -38.00 54.00
N PHE H 136 -4.24 -38.70 53.88
CA PHE H 136 -2.94 -38.31 54.48
C PHE H 136 -1.85 -39.37 54.15
N GLU H 137 -0.63 -39.11 54.61
CA GLU H 137 0.55 -39.96 54.42
C GLU H 137 0.39 -41.31 53.71
N ASP H 138 1.05 -41.40 52.55
CA ASP H 138 0.98 -42.62 51.77
C ASP H 138 -0.49 -42.95 51.45
N GLY H 139 -1.09 -43.89 52.17
CA GLY H 139 -2.48 -44.21 51.86
C GLY H 139 -3.35 -44.31 53.09
N LYS H 140 -2.98 -43.59 54.13
CA LYS H 140 -3.71 -43.65 55.42
C LYS H 140 -4.81 -42.60 55.67
N ASN H 141 -5.97 -43.05 56.15
CA ASN H 141 -7.09 -42.16 56.43
C ASN H 141 -6.91 -41.61 57.83
N LEU H 142 -7.09 -40.31 58.05
CA LEU H 142 -7.00 -39.78 59.41
C LEU H 142 -7.55 -38.37 59.67
N LEU H 143 -8.57 -37.99 58.90
CA LEU H 143 -9.19 -36.66 59.01
C LEU H 143 -10.58 -36.59 58.38
N SER H 144 -11.42 -35.71 58.92
CA SER H 144 -12.76 -35.48 58.36
C SER H 144 -12.80 -33.96 58.29
N PHE H 145 -13.73 -33.34 57.58
CA PHE H 145 -13.64 -31.88 57.49
C PHE H 145 -14.93 -31.22 57.04
N ASP H 146 -15.15 -29.95 57.43
CA ASP H 146 -16.35 -29.23 56.98
C ASP H 146 -16.05 -28.15 55.93
N VAL H 147 -16.96 -27.96 54.96
CA VAL H 147 -16.85 -26.96 53.89
C VAL H 147 -18.24 -26.63 53.31
N GLN H 148 -18.80 -25.47 53.66
CA GLN H 148 -20.15 -25.06 53.22
C GLN H 148 -20.26 -24.09 52.06
N THR H 149 -21.46 -23.96 51.46
CA THR H 149 -21.70 -23.04 50.30
C THR H 149 -23.10 -22.42 50.20
N ASN H 150 -23.53 -22.08 48.99
CA ASN H 150 -24.85 -21.49 48.75
C ASN H 150 -25.50 -22.00 47.45
N LYS H 151 -26.60 -21.31 47.08
CA LYS H 151 -27.41 -21.62 45.89
C LYS H 151 -26.81 -21.16 44.55
N LYS H 152 -27.36 -21.69 43.45
CA LYS H 152 -26.94 -21.45 42.06
C LYS H 152 -26.07 -22.60 41.55
N LYS H 153 -24.83 -22.73 42.06
CA LYS H 153 -23.85 -23.80 41.71
C LYS H 153 -22.47 -23.38 42.25
N VAL H 154 -21.48 -24.29 42.27
CA VAL H 154 -20.14 -23.96 42.82
C VAL H 154 -18.93 -24.36 41.92
N THR H 155 -17.69 -24.02 42.36
CA THR H 155 -16.48 -24.32 41.58
C THR H 155 -15.48 -25.20 42.30
N ALA H 156 -14.45 -25.61 41.57
CA ALA H 156 -13.40 -26.44 42.12
C ALA H 156 -12.39 -25.52 42.80
N GLN H 157 -12.53 -24.22 42.55
CA GLN H 157 -11.64 -23.23 43.15
C GLN H 157 -12.10 -22.91 44.53
N GLU H 158 -13.34 -22.46 44.65
CA GLU H 158 -13.88 -22.12 45.96
C GLU H 158 -13.62 -23.27 46.94
N LEU H 159 -13.90 -24.49 46.48
CA LEU H 159 -13.71 -25.67 47.32
C LEU H 159 -12.25 -25.87 47.60
N ASP H 160 -11.42 -25.81 46.57
CA ASP H 160 -9.98 -25.99 46.72
C ASP H 160 -9.41 -25.00 47.72
N TYR H 161 -10.04 -23.85 47.81
CA TYR H 161 -9.56 -22.84 48.75
C TYR H 161 -9.91 -23.16 50.18
N LEU H 162 -11.22 -23.26 50.44
CA LEU H 162 -11.75 -23.55 51.76
C LEU H 162 -11.08 -24.75 52.44
N THR H 163 -10.66 -25.75 51.67
CA THR H 163 -10.02 -26.93 52.23
C THR H 163 -8.59 -26.66 52.65
N ARG H 164 -7.81 -26.00 51.79
CA ARG H 164 -6.41 -25.69 52.09
C ARG H 164 -6.31 -24.66 53.20
N HIS H 165 -7.28 -23.74 53.20
CA HIS H 165 -7.38 -22.68 54.20
C HIS H 165 -7.24 -23.23 55.61
N TYR H 166 -7.81 -24.41 55.80
CA TYR H 166 -7.80 -25.06 57.10
C TYR H 166 -6.69 -26.09 57.29
N LEU H 167 -6.12 -26.59 56.20
CA LEU H 167 -5.04 -27.55 56.33
C LEU H 167 -3.73 -26.84 56.71
N VAL H 168 -3.57 -25.63 56.22
CA VAL H 168 -2.37 -24.88 56.56
C VAL H 168 -2.49 -24.58 58.05
N LYS H 169 -3.67 -24.08 58.42
CA LYS H 169 -4.02 -23.69 59.78
C LYS H 169 -4.07 -24.84 60.78
N ASN H 170 -4.69 -25.93 60.37
CA ASN H 170 -4.83 -27.06 61.26
C ASN H 170 -3.79 -28.14 61.05
N LYS H 171 -3.04 -28.08 59.95
CA LYS H 171 -2.05 -29.11 59.71
C LYS H 171 -0.75 -28.59 59.16
N LYS H 172 -0.62 -27.27 59.11
CA LYS H 172 0.61 -26.67 58.62
C LYS H 172 1.06 -27.22 57.26
N LEU H 173 0.11 -27.24 56.31
CA LEU H 173 0.37 -27.70 54.94
C LEU H 173 1.51 -26.88 54.34
N TYR H 174 1.55 -25.58 54.66
CA TYR H 174 2.58 -24.66 54.19
C TYR H 174 3.04 -23.84 55.37
N GLU H 182 5.69 -33.60 51.49
CA GLU H 182 6.58 -33.64 50.33
C GLU H 182 5.72 -33.50 49.12
N THR H 183 4.52 -34.08 49.17
CA THR H 183 3.56 -33.96 48.07
C THR H 183 2.12 -33.91 48.61
N GLY H 184 1.27 -33.15 47.94
CA GLY H 184 -0.14 -33.06 48.32
C GLY H 184 -0.96 -32.85 47.05
N TYR H 185 -2.21 -33.32 47.03
CA TYR H 185 -3.07 -33.09 45.85
C TYR H 185 -4.54 -33.37 46.10
N ILE H 186 -5.37 -32.44 45.65
CA ILE H 186 -6.79 -32.50 45.87
C ILE H 186 -7.46 -33.18 44.70
N LYS H 187 -8.18 -34.26 45.01
CA LYS H 187 -8.93 -35.05 44.03
C LYS H 187 -10.40 -34.70 44.10
N PHE H 188 -10.97 -34.32 42.98
CA PHE H 188 -12.37 -33.95 42.92
C PHE H 188 -13.21 -35.07 42.34
N ILE H 189 -14.16 -35.51 43.15
CA ILE H 189 -15.05 -36.59 42.81
C ILE H 189 -16.45 -36.10 42.55
N GLU H 190 -16.87 -36.30 41.30
CA GLU H 190 -18.20 -35.95 40.85
C GLU H 190 -18.83 -37.31 40.58
N ASN H 191 -19.91 -37.36 39.81
CA ASN H 191 -20.60 -38.63 39.52
C ASN H 191 -19.60 -39.71 39.07
N GLU H 192 -19.25 -39.73 37.79
CA GLU H 192 -18.29 -40.70 37.29
C GLU H 192 -17.02 -39.94 36.95
N ASN H 193 -16.94 -38.70 37.44
CA ASN H 193 -15.85 -37.79 37.14
C ASN H 193 -14.88 -37.52 38.26
N SER H 194 -13.59 -37.47 37.92
CA SER H 194 -12.54 -37.22 38.90
C SER H 194 -11.29 -36.54 38.35
N PHE H 195 -11.06 -35.28 38.76
CA PHE H 195 -9.90 -34.50 38.32
C PHE H 195 -9.14 -34.08 39.57
N TRP H 196 -7.82 -33.87 39.44
CA TRP H 196 -6.98 -33.49 40.59
C TRP H 196 -6.06 -32.31 40.28
N TYR H 197 -5.87 -31.44 41.28
CA TYR H 197 -5.04 -30.23 41.16
C TYR H 197 -3.93 -30.29 42.18
N ASP H 198 -2.71 -30.39 41.67
CA ASP H 198 -1.47 -30.43 42.45
C ASP H 198 -1.57 -29.41 43.60
N MET H 199 -0.80 -29.60 44.65
CA MET H 199 -0.84 -28.63 45.75
C MET H 199 0.56 -28.05 45.99
N MET H 200 1.62 -28.58 45.37
CA MET H 200 2.99 -28.07 45.59
C MET H 200 3.66 -27.32 44.43
N PRO H 201 4.45 -26.28 44.75
CA PRO H 201 5.16 -25.48 43.73
C PRO H 201 6.07 -26.28 42.75
N ALA H 202 6.59 -25.60 41.74
CA ALA H 202 7.45 -26.20 40.74
C ALA H 202 8.81 -26.47 41.31
N PRO H 203 9.70 -27.05 40.51
CA PRO H 203 11.07 -27.40 40.87
C PRO H 203 12.12 -26.26 40.88
N GLY H 204 11.71 -25.04 41.21
CA GLY H 204 12.69 -23.97 41.24
C GLY H 204 12.83 -23.15 42.49
N ASP H 205 13.32 -21.93 42.28
CA ASP H 205 13.54 -20.94 43.34
C ASP H 205 12.33 -20.07 43.43
N LYS H 206 11.91 -19.54 42.29
CA LYS H 206 10.78 -18.67 42.27
C LYS H 206 9.51 -19.43 42.04
N PHE H 207 8.50 -19.05 42.81
CA PHE H 207 7.18 -19.62 42.70
C PHE H 207 6.43 -18.51 41.98
N ASP H 208 6.06 -18.76 40.72
CA ASP H 208 5.33 -17.78 39.93
C ASP H 208 3.86 -17.87 40.25
N GLN H 209 3.43 -17.07 41.20
CA GLN H 209 2.03 -17.06 41.61
C GLN H 209 1.05 -17.04 40.43
N SER H 210 1.26 -16.16 39.45
CA SER H 210 0.32 -16.09 38.33
C SER H 210 0.23 -17.41 37.58
N LYS H 211 1.35 -18.11 37.45
CA LYS H 211 1.31 -19.37 36.75
C LYS H 211 0.40 -20.33 37.48
N TYR H 212 0.71 -20.54 38.75
CA TYR H 212 -0.03 -21.45 39.58
C TYR H 212 -1.52 -21.24 39.45
N LEU H 213 -1.97 -20.05 39.82
CA LEU H 213 -3.38 -19.78 39.82
C LEU H 213 -4.05 -19.84 38.48
N MET H 214 -3.28 -20.04 37.42
CA MET H 214 -3.87 -20.10 36.10
C MET H 214 -4.73 -21.35 35.89
N MET H 215 -4.45 -22.37 36.69
CA MET H 215 -5.16 -23.63 36.58
C MET H 215 -6.65 -23.53 36.80
N TYR H 216 -7.09 -22.44 37.39
CA TYR H 216 -8.50 -22.26 37.64
C TYR H 216 -9.14 -21.47 36.52
N ASN H 217 -8.38 -21.04 35.53
CA ASN H 217 -8.94 -20.26 34.44
C ASN H 217 -10.10 -20.91 33.68
N ASP H 218 -10.23 -22.25 33.74
CA ASP H 218 -11.37 -22.94 33.11
C ASP H 218 -12.33 -22.95 34.27
N ASN H 219 -13.31 -22.07 34.18
CA ASN H 219 -14.28 -21.90 35.23
C ASN H 219 -14.94 -23.26 35.43
N LYS H 220 -14.35 -24.07 36.30
CA LYS H 220 -14.81 -25.43 36.59
C LYS H 220 -15.86 -25.46 37.65
N MET H 221 -17.09 -25.76 37.29
CA MET H 221 -18.14 -25.80 38.27
C MET H 221 -18.41 -27.24 38.62
N VAL H 222 -18.71 -27.45 39.91
CA VAL H 222 -18.97 -28.76 40.46
C VAL H 222 -20.24 -28.60 41.35
N ASP H 223 -21.04 -29.66 41.49
CA ASP H 223 -22.30 -29.64 42.31
C ASP H 223 -22.07 -29.84 43.80
N SER H 224 -22.32 -28.82 44.60
CA SER H 224 -22.10 -28.94 46.04
C SER H 224 -22.78 -30.14 46.67
N LYS H 225 -23.96 -30.49 46.15
CA LYS H 225 -24.77 -31.60 46.68
C LYS H 225 -24.27 -33.02 46.56
N ASP H 226 -23.56 -33.32 45.48
CA ASP H 226 -23.12 -34.69 45.25
C ASP H 226 -21.64 -34.82 45.09
N VAL H 227 -20.93 -33.74 45.41
CA VAL H 227 -19.50 -33.76 45.29
C VAL H 227 -18.76 -34.38 46.44
N LYS H 228 -17.70 -35.08 46.11
CA LYS H 228 -16.91 -35.75 47.08
C LYS H 228 -15.53 -35.18 46.76
N ILE H 229 -14.98 -34.46 47.71
CA ILE H 229 -13.63 -33.93 47.58
C ILE H 229 -12.70 -34.84 48.39
N GLU H 230 -11.40 -34.75 48.19
CA GLU H 230 -10.44 -35.57 48.91
C GLU H 230 -9.07 -34.93 48.83
N VAL H 231 -8.36 -34.82 49.95
CA VAL H 231 -7.05 -34.15 50.02
C VAL H 231 -5.89 -35.11 50.23
N TYR H 232 -5.27 -35.58 49.16
CA TYR H 232 -4.21 -36.56 49.29
C TYR H 232 -2.82 -36.02 49.58
N LEU H 233 -2.44 -36.00 50.87
CA LEU H 233 -1.12 -35.53 51.34
C LEU H 233 -0.12 -36.69 51.59
N THR H 234 1.17 -36.43 51.40
CA THR H 234 2.17 -37.47 51.66
C THR H 234 3.13 -37.07 52.78
#